data_6P8A
#
_entry.id   6P8A
#
_cell.length_a   97.058
_cell.length_b   97.058
_cell.length_c   216.169
_cell.angle_alpha   90.000
_cell.angle_beta   90.000
_cell.angle_gamma   120.000
#
_symmetry.space_group_name_H-M   'P 32 2 1'
#
loop_
_entity.id
_entity.type
_entity.pdbx_description
1 polymer 'UDP-3-O-(3-hydroxymyristoyl)glucosamine N-acyltransferase'
2 non-polymer 'MAGNESIUM ION'
3 non-polymer 2-[4,6-dimethyl-3-(1H-pyrrol-1-yl)-1H-pyrazolo[3,4-b]pyridin-1-yl]-N-[3-(morpholin-4-yl)propyl]acetamide
4 non-polymer 3-hydroxy-7,7-dimethyl-2-phenyl-4-(thiophen-2-yl)-2,6,7,8-tetrahydro-5H-pyrazolo[3,4-b]quinolin-5-one
5 water water
#
_entity_poly.entity_id   1
_entity_poly.type   'polypeptide(L)'
_entity_poly.pdbx_seq_one_letter_code
;GSGGSIRLADLAQQLDAELHGDGDIVITGVASMQSAQTGHITFMVNPKYREHLGLCQASAVVMTQDDLPFAKSAALVVKN
PYLTYARMAQILDTTPQPAQNIAPSAVIDATAKLGNNVSIGANAVIESGVELGDNVIIGAGCFVGKNSKIGAGSRLWANV
TIYHEIQIGQNCLIQSGTVVGADGFGYANDRGNWVKIPQIGRVIIGDRVEIGACTTIDRGALDDTIIGNGVIIDNQCQIA
HNVVIGDNTAVAGGVIMAGSLKIGRYCMIGGASVINGHMEICDKVTVTGMGMVMRPITEPGVYSSGIPLQPNKVWRKTAA
LVMNIDDMSKRLKSLERKVNQQD
;
_entity_poly.pdbx_strand_id   A,B,C
#
# COMPACT_ATOMS: atom_id res chain seq x y z
N SER A 5 -11.86 20.09 30.55
CA SER A 5 -12.89 21.11 30.60
C SER A 5 -12.26 22.48 30.77
N ILE A 6 -12.84 23.49 30.12
CA ILE A 6 -12.26 24.83 30.08
C ILE A 6 -13.40 25.84 29.92
N ARG A 7 -13.23 27.00 30.57
CA ARG A 7 -14.22 28.06 30.47
C ARG A 7 -14.17 28.73 29.10
N LEU A 8 -15.34 29.07 28.56
CA LEU A 8 -15.40 29.66 27.22
C LEU A 8 -14.54 30.93 27.14
N ALA A 9 -14.53 31.73 28.21
CA ALA A 9 -13.74 32.95 28.18
C ALA A 9 -12.26 32.63 28.06
N ASP A 10 -11.79 31.66 28.84
CA ASP A 10 -10.39 31.25 28.78
C ASP A 10 -10.04 30.65 27.42
N LEU A 11 -10.92 29.79 26.90
CA LEU A 11 -10.68 29.23 25.57
C LEU A 11 -10.56 30.33 24.52
N ALA A 12 -11.47 31.31 24.56
CA ALA A 12 -11.43 32.38 23.57
C ALA A 12 -10.14 33.17 23.68
N GLN A 13 -9.64 33.38 24.90
CA GLN A 13 -8.36 34.06 25.07
C GLN A 13 -7.23 33.28 24.41
N GLN A 14 -7.17 31.96 24.68
CA GLN A 14 -6.11 31.15 24.09
C GLN A 14 -6.21 31.09 22.58
N LEU A 15 -7.42 31.16 22.03
CA LEU A 15 -7.61 31.18 20.58
C LEU A 15 -7.58 32.57 20.00
N ASP A 16 -7.41 33.60 20.83
CA ASP A 16 -7.41 34.97 20.35
C ASP A 16 -8.68 35.28 19.56
N ALA A 17 -9.82 34.78 20.07
CA ALA A 17 -11.11 35.02 19.45
C ALA A 17 -11.92 36.00 20.30
N GLU A 18 -12.88 36.66 19.66
CA GLU A 18 -13.74 37.60 20.35
C GLU A 18 -14.99 36.87 20.82
N LEU A 19 -15.19 36.83 22.13
CA LEU A 19 -16.33 36.12 22.73
C LEU A 19 -17.61 36.96 22.63
N HIS A 20 -18.69 36.32 22.21
CA HIS A 20 -20.03 36.91 22.22
C HIS A 20 -20.93 35.92 22.97
N GLY A 21 -21.10 36.15 24.27
CA GLY A 21 -21.94 35.30 25.09
C GLY A 21 -21.27 35.02 26.43
N ASP A 22 -21.86 34.09 27.17
CA ASP A 22 -21.46 33.86 28.56
C ASP A 22 -20.11 33.16 28.60
N GLY A 23 -19.09 33.89 29.05
CA GLY A 23 -17.74 33.36 29.19
C GLY A 23 -17.59 32.34 30.32
N ASP A 24 -18.61 32.16 31.14
CA ASP A 24 -18.57 31.13 32.18
C ASP A 24 -19.03 29.77 31.67
N ILE A 25 -19.48 29.68 30.42
CA ILE A 25 -19.85 28.38 29.86
C ILE A 25 -18.65 27.45 29.89
N VAL A 26 -18.87 26.23 30.35
CA VAL A 26 -17.81 25.22 30.44
C VAL A 26 -17.82 24.41 29.15
N ILE A 27 -16.69 24.39 28.45
CA ILE A 27 -16.53 23.59 27.24
C ILE A 27 -15.74 22.33 27.59
N THR A 28 -16.30 21.18 27.21
CA THR A 28 -15.71 19.89 27.51
C THR A 28 -15.09 19.20 26.29
N GLY A 29 -15.34 19.69 25.09
CA GLY A 29 -14.88 18.98 23.90
C GLY A 29 -15.37 19.65 22.63
N VAL A 30 -14.85 19.15 21.50
CA VAL A 30 -15.18 19.63 20.17
C VAL A 30 -16.07 18.59 19.51
N ALA A 31 -17.02 19.06 18.70
CA ALA A 31 -17.95 18.18 17.99
C ALA A 31 -18.33 18.84 16.67
N SER A 32 -18.85 18.01 15.75
CA SER A 32 -19.41 18.53 14.51
C SER A 32 -20.69 19.30 14.82
N MET A 33 -21.11 20.15 13.87
CA MET A 33 -22.33 20.93 14.09
C MET A 33 -23.53 20.02 14.33
N GLN A 34 -23.65 18.95 13.53
CA GLN A 34 -24.80 18.07 13.67
C GLN A 34 -24.75 17.26 14.96
N SER A 35 -23.56 16.92 15.46
CA SER A 35 -23.48 16.08 16.65
C SER A 35 -23.36 16.87 17.95
N ALA A 36 -23.08 18.17 17.87
CA ALA A 36 -22.73 18.92 19.08
C ALA A 36 -23.86 18.91 20.11
N GLN A 37 -23.48 18.79 21.37
CA GLN A 37 -24.39 18.83 22.50
C GLN A 37 -23.96 19.94 23.46
N THR A 38 -24.77 20.16 24.50
CA THR A 38 -24.38 21.06 25.58
C THR A 38 -22.97 20.71 26.06
N GLY A 39 -22.11 21.72 26.12
CA GLY A 39 -20.74 21.53 26.53
C GLY A 39 -19.74 21.41 25.39
N HIS A 40 -20.22 21.17 24.17
CA HIS A 40 -19.35 21.10 23.00
C HIS A 40 -19.17 22.47 22.38
N ILE A 41 -17.97 22.73 21.87
CA ILE A 41 -17.76 23.82 20.93
C ILE A 41 -17.64 23.22 19.53
N THR A 42 -18.15 23.93 18.54
CA THR A 42 -18.09 23.50 17.15
C THR A 42 -17.69 24.72 16.32
N PHE A 43 -17.81 24.60 15.01
CA PHE A 43 -17.35 25.65 14.11
C PHE A 43 -18.14 25.55 12.81
N MET A 44 -18.08 26.63 12.01
CA MET A 44 -18.67 26.57 10.68
C MET A 44 -17.83 27.41 9.73
N VAL A 45 -17.65 26.88 8.51
CA VAL A 45 -16.94 27.57 7.44
C VAL A 45 -17.87 27.93 6.28
N ASN A 46 -18.83 27.07 5.98
CA ASN A 46 -19.73 27.23 4.84
C ASN A 46 -20.95 28.04 5.25
N PRO A 47 -21.31 29.11 4.52
CA PRO A 47 -22.47 29.92 4.91
C PRO A 47 -23.81 29.21 4.81
N LYS A 48 -23.86 28.05 4.14
CA LYS A 48 -25.14 27.32 4.06
C LYS A 48 -25.64 26.88 5.42
N TYR A 49 -24.77 26.76 6.42
CA TYR A 49 -25.18 26.32 7.74
C TYR A 49 -25.70 27.46 8.61
N ARG A 50 -25.54 28.71 8.18
CA ARG A 50 -26.03 29.84 8.97
C ARG A 50 -27.51 29.69 9.33
N GLU A 51 -28.29 29.11 8.42
CA GLU A 51 -29.73 29.25 8.48
C GLU A 51 -30.39 28.31 9.48
N HIS A 52 -29.76 27.19 9.81
CA HIS A 52 -30.26 26.28 10.84
C HIS A 52 -29.29 26.20 12.02
N LEU A 53 -28.63 27.32 12.34
CA LEU A 53 -27.81 27.36 13.55
C LEU A 53 -28.66 27.19 14.80
N GLY A 54 -29.94 27.55 14.75
CA GLY A 54 -30.84 27.31 15.87
C GLY A 54 -31.11 25.85 16.12
N LEU A 55 -30.80 24.98 15.17
CA LEU A 55 -30.87 23.55 15.39
C LEU A 55 -29.61 22.98 16.01
N CYS A 56 -28.48 23.67 15.87
CA CYS A 56 -27.24 23.21 16.47
C CYS A 56 -27.32 23.36 17.98
N GLN A 57 -26.95 22.31 18.72
CA GLN A 57 -27.07 22.33 20.17
C GLN A 57 -25.73 22.45 20.87
N ALA A 58 -24.71 22.95 20.17
CA ALA A 58 -23.43 23.24 20.82
C ALA A 58 -23.59 24.37 21.83
N SER A 59 -22.71 24.37 22.83
CA SER A 59 -22.62 25.49 23.77
C SER A 59 -21.98 26.72 23.14
N ALA A 60 -21.17 26.55 22.10
CA ALA A 60 -20.57 27.69 21.43
C ALA A 60 -20.21 27.32 20.01
N VAL A 61 -20.21 28.30 19.12
CA VAL A 61 -19.87 28.09 17.72
C VAL A 61 -18.78 29.08 17.33
N VAL A 62 -17.69 28.56 16.78
CA VAL A 62 -16.64 29.37 16.18
C VAL A 62 -17.07 29.79 14.78
N MET A 63 -17.04 31.09 14.50
CA MET A 63 -17.54 31.61 13.23
C MET A 63 -16.85 32.93 12.91
N THR A 64 -17.20 33.52 11.77
CA THR A 64 -16.66 34.80 11.35
C THR A 64 -17.58 35.93 11.80
N GLN A 65 -17.18 37.17 11.48
CA GLN A 65 -18.01 38.32 11.82
C GLN A 65 -19.30 38.34 11.03
N ASP A 66 -19.23 38.08 9.71
CA ASP A 66 -20.44 38.04 8.91
C ASP A 66 -21.40 36.92 9.33
N ASP A 67 -20.93 35.97 10.14
CA ASP A 67 -21.80 34.92 10.66
C ASP A 67 -22.51 35.33 11.95
N LEU A 68 -21.99 36.32 12.66
CA LEU A 68 -22.49 36.64 14.00
C LEU A 68 -23.99 36.91 14.02
N PRO A 69 -24.57 37.69 13.10
CA PRO A 69 -26.02 37.96 13.18
C PRO A 69 -26.86 36.70 13.19
N PHE A 70 -26.39 35.61 12.59
CA PHE A 70 -27.15 34.37 12.54
C PHE A 70 -26.95 33.50 13.77
N ALA A 71 -26.02 33.87 14.65
CA ALA A 71 -25.72 33.04 15.81
C ALA A 71 -26.96 32.81 16.66
N LYS A 72 -27.11 31.57 17.12
CA LYS A 72 -28.17 31.20 18.04
C LYS A 72 -27.61 30.64 19.33
N SER A 73 -26.36 30.98 19.65
CA SER A 73 -25.68 30.54 20.86
C SER A 73 -24.49 31.46 21.08
N ALA A 74 -23.80 31.26 22.21
CA ALA A 74 -22.50 31.88 22.40
C ALA A 74 -21.65 31.65 21.17
N ALA A 75 -20.88 32.67 20.78
CA ALA A 75 -20.07 32.61 19.57
C ALA A 75 -18.67 33.15 19.83
N LEU A 76 -17.68 32.51 19.20
CA LEU A 76 -16.31 33.02 19.14
C LEU A 76 -16.07 33.49 17.72
N VAL A 77 -15.79 34.78 17.54
CA VAL A 77 -15.57 35.36 16.23
C VAL A 77 -14.08 35.37 15.94
N VAL A 78 -13.71 34.92 14.74
CA VAL A 78 -12.33 34.83 14.30
C VAL A 78 -12.28 35.08 12.80
N LYS A 79 -11.07 35.30 12.28
CA LYS A 79 -10.92 35.45 10.84
C LYS A 79 -11.00 34.11 10.12
N ASN A 80 -10.49 33.04 10.73
CA ASN A 80 -10.32 31.75 10.07
C ASN A 80 -10.87 30.65 10.96
N PRO A 81 -12.16 30.34 10.84
CA PRO A 81 -12.75 29.33 11.73
C PRO A 81 -12.08 27.96 11.62
N TYR A 82 -11.62 27.57 10.42
CA TYR A 82 -11.02 26.25 10.27
C TYR A 82 -9.68 26.16 11.02
N LEU A 83 -8.85 27.20 10.91
CA LEU A 83 -7.60 27.22 11.67
C LEU A 83 -7.86 27.29 13.17
N THR A 84 -8.85 28.10 13.58
CA THR A 84 -9.19 28.17 14.98
C THR A 84 -9.71 26.82 15.49
N TYR A 85 -10.45 26.12 14.64
CA TYR A 85 -10.89 24.76 14.96
C TYR A 85 -9.70 23.85 15.20
N ALA A 86 -8.70 23.89 14.31
CA ALA A 86 -7.51 23.08 14.54
C ALA A 86 -6.92 23.37 15.91
N ARG A 87 -6.79 24.67 16.24
CA ARG A 87 -6.17 25.05 17.50
C ARG A 87 -7.00 24.58 18.70
N MET A 88 -8.32 24.74 18.64
CA MET A 88 -9.12 24.36 19.80
C MET A 88 -9.21 22.85 19.95
N ALA A 89 -9.17 22.12 18.83
CA ALA A 89 -9.12 20.67 18.89
C ALA A 89 -7.85 20.19 19.56
N GLN A 90 -6.73 20.90 19.34
CA GLN A 90 -5.50 20.55 20.04
C GLN A 90 -5.64 20.80 21.54
N ILE A 91 -6.22 21.95 21.91
CA ILE A 91 -6.43 22.24 23.34
C ILE A 91 -7.29 21.16 23.98
N LEU A 92 -8.33 20.72 23.28
CA LEU A 92 -9.31 19.77 23.79
C LEU A 92 -9.08 18.34 23.33
N ASP A 93 -7.86 18.03 22.90
CA ASP A 93 -7.56 16.73 22.30
C ASP A 93 -7.75 15.61 23.30
N THR A 94 -8.44 14.54 22.89
CA THR A 94 -8.63 13.36 23.74
C THR A 94 -7.76 12.18 23.31
N THR A 95 -6.92 12.36 22.30
CA THR A 95 -6.11 11.26 21.78
C THR A 95 -5.13 10.79 22.83
N PRO A 96 -5.08 9.48 23.13
CA PRO A 96 -4.07 9.00 24.08
C PRO A 96 -2.68 9.00 23.46
N GLN A 97 -1.67 8.78 24.33
CA GLN A 97 -0.27 8.63 23.94
C GLN A 97 0.03 7.18 23.53
N PRO A 98 0.94 6.97 22.58
CA PRO A 98 1.26 5.58 22.19
C PRO A 98 1.81 4.71 23.32
N ALA A 99 2.42 5.32 24.34
CA ALA A 99 2.99 4.56 25.43
C ALA A 99 3.20 5.51 26.60
N GLN A 100 3.41 4.94 27.79
CA GLN A 100 3.72 5.73 28.97
C GLN A 100 4.75 4.99 29.80
N ASN A 101 5.85 5.67 30.13
CA ASN A 101 6.98 5.02 30.78
C ASN A 101 7.55 3.96 29.85
N ILE A 102 8.50 3.15 30.33
CA ILE A 102 9.11 2.10 29.53
C ILE A 102 8.51 0.78 29.97
N ALA A 103 7.97 0.03 29.01
CA ALA A 103 7.31 -1.23 29.32
C ALA A 103 8.32 -2.31 29.66
N PRO A 104 8.03 -3.13 30.67
CA PRO A 104 8.93 -4.24 31.00
C PRO A 104 9.17 -5.21 29.85
N SER A 105 8.22 -5.33 28.92
CA SER A 105 8.36 -6.26 27.81
C SER A 105 9.11 -5.64 26.62
N ALA A 106 9.42 -4.35 26.66
CA ALA A 106 10.23 -3.76 25.61
C ALA A 106 11.64 -4.34 25.70
N VAL A 107 12.29 -4.49 24.54
CA VAL A 107 13.63 -5.05 24.45
C VAL A 107 14.55 -3.94 23.94
N ILE A 108 15.44 -3.46 24.80
CA ILE A 108 16.20 -2.25 24.54
C ILE A 108 17.68 -2.55 24.70
N ASP A 109 18.44 -2.36 23.62
CA ASP A 109 19.87 -2.61 23.68
C ASP A 109 20.51 -1.70 24.71
N ALA A 110 21.46 -2.25 25.47
CA ALA A 110 22.06 -1.49 26.56
C ALA A 110 22.84 -0.28 26.06
N THR A 111 23.19 -0.23 24.78
CA THR A 111 23.92 0.91 24.22
C THR A 111 23.01 1.99 23.66
N ALA A 112 21.69 1.80 23.72
CA ALA A 112 20.77 2.86 23.33
C ALA A 112 20.94 4.06 24.26
N LYS A 113 20.85 5.26 23.69
CA LYS A 113 20.93 6.50 24.46
C LYS A 113 19.55 7.12 24.53
N LEU A 114 19.02 7.24 25.74
CA LEU A 114 17.66 7.70 25.97
C LEU A 114 17.67 9.04 26.70
N GLY A 115 16.94 10.01 26.16
CA GLY A 115 16.75 11.28 26.83
C GLY A 115 15.81 11.14 28.02
N ASN A 116 15.35 12.29 28.50
CA ASN A 116 14.45 12.34 29.65
C ASN A 116 13.02 12.10 29.20
N ASN A 117 12.25 11.41 30.05
CA ASN A 117 10.82 11.26 29.84
C ASN A 117 10.53 10.57 28.51
N VAL A 118 11.36 9.58 28.17
CA VAL A 118 11.13 8.73 27.00
C VAL A 118 10.15 7.61 27.37
N SER A 119 9.13 7.40 26.54
CA SER A 119 8.19 6.31 26.76
C SER A 119 8.32 5.28 25.64
N ILE A 120 8.32 4.00 26.02
CA ILE A 120 8.49 2.90 25.08
C ILE A 120 7.43 1.85 25.38
N GLY A 121 6.60 1.54 24.37
CA GLY A 121 5.48 0.64 24.58
C GLY A 121 5.89 -0.81 24.66
N ALA A 122 4.91 -1.64 25.06
CA ALA A 122 5.12 -3.08 25.21
C ALA A 122 5.66 -3.70 23.94
N ASN A 123 6.65 -4.59 24.11
CA ASN A 123 7.26 -5.40 23.06
C ASN A 123 7.90 -4.58 21.94
N ALA A 124 8.14 -3.29 22.13
CA ALA A 124 8.96 -2.59 21.16
C ALA A 124 10.41 -3.10 21.27
N VAL A 125 11.16 -2.91 20.20
CA VAL A 125 12.54 -3.41 20.09
C VAL A 125 13.43 -2.25 19.65
N ILE A 126 14.40 -1.90 20.49
CA ILE A 126 15.32 -0.79 20.25
C ILE A 126 16.72 -1.36 20.08
N GLU A 127 17.34 -1.10 18.93
CA GLU A 127 18.63 -1.67 18.57
C GLU A 127 19.77 -0.88 19.22
N SER A 128 20.98 -1.39 19.05
CA SER A 128 22.19 -0.76 19.59
C SER A 128 22.40 0.61 18.96
N GLY A 129 22.97 1.53 19.75
CA GLY A 129 23.34 2.85 19.29
C GLY A 129 22.18 3.80 19.05
N VAL A 130 20.94 3.34 19.21
CA VAL A 130 19.78 4.20 18.95
C VAL A 130 19.77 5.35 19.95
N GLU A 131 19.42 6.54 19.45
CA GLU A 131 19.30 7.73 20.28
C GLU A 131 17.88 8.26 20.23
N LEU A 132 17.22 8.32 21.38
CA LEU A 132 15.87 8.86 21.49
C LEU A 132 15.92 10.12 22.31
N GLY A 133 15.46 11.23 21.73
CA GLY A 133 15.50 12.51 22.41
C GLY A 133 14.48 12.60 23.54
N ASP A 134 14.59 13.69 24.30
CA ASP A 134 13.64 13.95 25.38
C ASP A 134 12.22 13.86 24.87
N ASN A 135 11.32 13.28 25.67
CA ASN A 135 9.89 13.25 25.40
C ASN A 135 9.51 12.44 24.17
N VAL A 136 10.44 11.68 23.59
CA VAL A 136 10.09 10.77 22.50
C VAL A 136 9.21 9.65 23.03
N ILE A 137 8.22 9.25 22.25
CA ILE A 137 7.34 8.13 22.57
C ILE A 137 7.40 7.12 21.44
N ILE A 138 7.67 5.86 21.79
CA ILE A 138 7.73 4.74 20.86
C ILE A 138 6.58 3.81 21.19
N GLY A 139 5.71 3.54 20.22
CA GLY A 139 4.55 2.72 20.48
C GLY A 139 4.88 1.25 20.64
N ALA A 140 3.88 0.51 21.12
CA ALA A 140 4.01 -0.94 21.22
C ALA A 140 4.44 -1.55 19.90
N GLY A 141 5.29 -2.57 19.98
CA GLY A 141 5.65 -3.37 18.83
C GLY A 141 6.55 -2.71 17.80
N CYS A 142 6.99 -1.48 18.03
CA CYS A 142 7.85 -0.85 17.03
C CYS A 142 9.22 -1.52 16.99
N PHE A 143 9.92 -1.26 15.90
CA PHE A 143 11.33 -1.64 15.75
C PHE A 143 12.08 -0.37 15.36
N VAL A 144 13.18 -0.08 16.06
CA VAL A 144 14.06 1.02 15.69
C VAL A 144 15.47 0.48 15.53
N GLY A 145 16.03 0.60 14.33
CA GLY A 145 17.24 -0.11 13.97
C GLY A 145 18.50 0.63 14.37
N LYS A 146 19.62 -0.04 14.09
CA LYS A 146 20.91 0.35 14.66
C LYS A 146 21.26 1.78 14.35
N ASN A 147 21.67 2.51 15.38
CA ASN A 147 22.23 3.86 15.29
C ASN A 147 21.22 4.90 14.80
N SER A 148 19.94 4.56 14.76
CA SER A 148 18.98 5.56 14.34
C SER A 148 18.77 6.58 15.45
N LYS A 149 18.39 7.78 15.06
CA LYS A 149 18.25 8.91 15.98
C LYS A 149 16.86 9.49 15.79
N ILE A 150 16.15 9.67 16.90
CA ILE A 150 14.81 10.26 16.87
C ILE A 150 14.82 11.48 17.78
N GLY A 151 14.47 12.64 17.22
CA GLY A 151 14.58 13.89 17.94
C GLY A 151 13.49 14.11 18.96
N ALA A 152 13.73 15.11 19.81
CA ALA A 152 12.87 15.38 20.95
C ALA A 152 11.43 15.58 20.52
N GLY A 153 10.50 15.00 21.29
CA GLY A 153 9.08 15.17 21.07
C GLY A 153 8.48 14.33 19.97
N SER A 154 9.27 13.59 19.21
CA SER A 154 8.72 12.78 18.13
C SER A 154 8.06 11.53 18.70
N ARG A 155 7.03 11.06 18.01
CA ARG A 155 6.23 9.93 18.49
C ARG A 155 5.93 8.98 17.34
N LEU A 156 6.07 7.68 17.61
CA LEU A 156 5.67 6.60 16.71
C LEU A 156 4.50 5.85 17.32
N TRP A 157 3.44 5.61 16.54
CA TRP A 157 2.36 4.76 17.04
C TRP A 157 2.83 3.31 17.02
N ALA A 158 1.91 2.39 17.34
CA ALA A 158 2.30 0.99 17.44
C ALA A 158 2.75 0.45 16.08
N ASN A 159 3.69 -0.49 16.13
CA ASN A 159 4.07 -1.30 14.97
C ASN A 159 4.60 -0.45 13.82
N VAL A 160 5.45 0.54 14.13
CA VAL A 160 6.22 1.29 13.14
C VAL A 160 7.59 0.64 13.04
N THR A 161 8.14 0.59 11.83
CA THR A 161 9.48 0.04 11.61
C THR A 161 10.40 1.16 11.13
N ILE A 162 11.46 1.43 11.90
CA ILE A 162 12.54 2.32 11.50
C ILE A 162 13.78 1.46 11.32
N TYR A 163 14.41 1.53 10.15
CA TYR A 163 15.64 0.78 9.92
C TYR A 163 16.83 1.45 10.59
N HIS A 164 18.04 1.06 10.18
CA HIS A 164 19.27 1.56 10.75
C HIS A 164 19.69 2.90 10.11
N GLU A 165 20.43 3.70 10.90
CA GLU A 165 21.05 4.94 10.45
C GLU A 165 20.02 5.95 9.95
N ILE A 166 18.80 5.90 10.47
CA ILE A 166 17.76 6.85 10.10
C ILE A 166 17.81 8.03 11.06
N GLN A 167 17.63 9.23 10.53
CA GLN A 167 17.56 10.43 11.34
C GLN A 167 16.16 11.04 11.22
N ILE A 168 15.51 11.26 12.37
CA ILE A 168 14.19 11.86 12.46
C ILE A 168 14.29 13.06 13.40
N GLY A 169 13.71 14.18 12.98
CA GLY A 169 13.80 15.43 13.73
C GLY A 169 12.85 15.49 14.92
N GLN A 170 12.54 16.71 15.33
CA GLN A 170 11.73 16.94 16.53
C GLN A 170 10.25 17.02 16.19
N ASN A 171 9.42 16.54 17.12
CA ASN A 171 7.97 16.74 17.05
C ASN A 171 7.36 16.11 15.79
N CYS A 172 7.94 15.00 15.34
CA CYS A 172 7.35 14.21 14.27
C CYS A 172 6.30 13.23 14.81
N LEU A 173 5.45 12.76 13.90
CA LEU A 173 4.43 11.78 14.26
C LEU A 173 4.30 10.80 13.09
N ILE A 174 4.44 9.50 13.38
CA ILE A 174 4.44 8.44 12.37
C ILE A 174 3.37 7.42 12.76
N GLN A 175 2.42 7.18 11.86
CA GLN A 175 1.31 6.27 12.15
C GLN A 175 1.72 4.82 11.89
N SER A 176 0.88 3.90 12.38
CA SER A 176 1.24 2.50 12.47
C SER A 176 1.42 1.89 11.08
N GLY A 177 2.26 0.85 11.03
CA GLY A 177 2.46 0.07 9.81
C GLY A 177 3.46 0.66 8.85
N THR A 178 3.93 1.87 9.11
CA THR A 178 4.86 2.55 8.23
C THR A 178 6.28 2.00 8.39
N VAL A 179 7.03 2.03 7.30
CA VAL A 179 8.39 1.53 7.25
C VAL A 179 9.29 2.64 6.72
N VAL A 180 10.27 3.06 7.52
CA VAL A 180 11.23 4.09 7.11
C VAL A 180 12.60 3.48 7.03
N GLY A 181 13.20 3.51 5.84
CA GLY A 181 14.57 3.09 5.66
C GLY A 181 14.79 1.74 5.06
N ALA A 182 13.76 1.11 4.47
CA ALA A 182 13.99 -0.13 3.74
C ALA A 182 14.92 0.15 2.56
N ASP A 183 15.57 -0.91 2.08
CA ASP A 183 16.39 -0.81 0.88
C ASP A 183 15.60 -0.18 -0.27
N GLY A 184 16.23 0.76 -0.95
CA GLY A 184 15.71 1.19 -2.24
C GLY A 184 15.80 0.09 -3.28
N PHE A 185 15.07 0.29 -4.38
CA PHE A 185 14.94 -0.71 -5.44
C PHE A 185 16.13 -0.61 -6.39
N GLY A 186 17.30 -0.99 -5.89
CA GLY A 186 18.54 -0.78 -6.65
C GLY A 186 19.24 -2.07 -7.03
N TYR A 187 19.41 -2.29 -8.34
CA TYR A 187 20.00 -3.53 -8.85
C TYR A 187 20.78 -3.22 -10.11
N ALA A 188 21.97 -3.82 -10.23
CA ALA A 188 22.64 -3.93 -11.51
C ALA A 188 22.19 -5.22 -12.19
N ASN A 189 22.57 -5.36 -13.45
CA ASN A 189 22.20 -6.51 -14.25
C ASN A 189 23.46 -7.14 -14.82
N ASP A 190 23.64 -8.43 -14.54
CA ASP A 190 24.78 -9.21 -15.04
C ASP A 190 24.20 -10.36 -15.88
N ARG A 191 23.90 -10.05 -17.14
CA ARG A 191 23.37 -11.03 -18.10
C ARG A 191 21.99 -11.54 -17.68
N GLY A 192 21.06 -10.61 -17.51
CA GLY A 192 19.71 -10.93 -17.12
C GLY A 192 19.52 -11.25 -15.65
N ASN A 193 20.60 -11.49 -14.91
CA ASN A 193 20.52 -11.73 -13.47
C ASN A 193 20.66 -10.41 -12.72
N TRP A 194 19.71 -10.15 -11.82
CA TRP A 194 19.79 -8.95 -11.00
C TRP A 194 20.90 -9.10 -9.96
N VAL A 195 21.67 -8.04 -9.77
CA VAL A 195 22.74 -7.99 -8.78
C VAL A 195 22.38 -6.90 -7.80
N LYS A 196 22.22 -7.27 -6.53
CA LYS A 196 21.77 -6.30 -5.55
C LYS A 196 22.83 -5.22 -5.37
N ILE A 197 22.39 -3.96 -5.36
CA ILE A 197 23.24 -2.85 -4.96
C ILE A 197 22.89 -2.51 -3.51
N PRO A 198 23.75 -2.83 -2.55
CA PRO A 198 23.45 -2.46 -1.17
C PRO A 198 23.10 -0.98 -1.10
N GLN A 199 22.10 -0.66 -0.30
CA GLN A 199 21.59 0.71 -0.23
C GLN A 199 22.12 1.26 1.10
N ILE A 200 23.23 2.02 1.02
CA ILE A 200 23.92 2.43 2.24
C ILE A 200 23.76 3.92 2.52
N GLY A 201 22.94 4.62 1.72
CA GLY A 201 22.45 5.92 2.11
C GLY A 201 21.43 5.77 3.23
N ARG A 202 20.83 6.90 3.60
CA ARG A 202 19.93 6.92 4.75
C ARG A 202 18.59 7.57 4.41
N VAL A 203 17.75 7.79 5.42
CA VAL A 203 16.64 8.71 5.32
C VAL A 203 16.86 9.79 6.36
N ILE A 204 16.70 11.04 5.96
CA ILE A 204 16.74 12.19 6.88
C ILE A 204 15.36 12.82 6.86
N ILE A 205 14.68 12.80 8.00
CA ILE A 205 13.36 13.40 8.16
C ILE A 205 13.52 14.62 9.05
N GLY A 206 12.96 15.75 8.63
CA GLY A 206 13.14 17.00 9.33
C GLY A 206 12.26 17.09 10.57
N ASP A 207 11.99 18.33 10.98
CA ASP A 207 11.14 18.60 12.14
C ASP A 207 9.68 18.73 11.72
N ARG A 208 8.78 18.31 12.61
CA ARG A 208 7.34 18.54 12.45
C ARG A 208 6.80 17.84 11.21
N VAL A 209 7.31 16.64 10.93
CA VAL A 209 6.86 15.83 9.80
C VAL A 209 5.84 14.83 10.31
N GLU A 210 4.73 14.70 9.61
CA GLU A 210 3.71 13.70 9.93
C GLU A 210 3.59 12.73 8.77
N ILE A 211 3.68 11.44 9.08
CA ILE A 211 3.65 10.37 8.09
C ILE A 211 2.52 9.42 8.46
N GLY A 212 1.69 9.07 7.48
CA GLY A 212 0.54 8.22 7.72
C GLY A 212 0.90 6.77 7.91
N ALA A 213 -0.12 5.92 7.77
CA ALA A 213 -0.03 4.49 8.04
C ALA A 213 0.26 3.70 6.76
N CYS A 214 1.02 2.61 6.92
CA CYS A 214 1.43 1.75 5.80
C CYS A 214 2.02 2.57 4.66
N THR A 215 2.80 3.58 5.02
CA THR A 215 3.63 4.30 4.06
C THR A 215 5.07 3.80 4.15
N THR A 216 5.77 3.83 3.01
CA THR A 216 7.15 3.36 2.95
C THR A 216 8.02 4.48 2.41
N ILE A 217 9.16 4.69 3.05
CA ILE A 217 10.13 5.71 2.66
C ILE A 217 11.48 5.01 2.62
N ASP A 218 11.98 4.70 1.42
CA ASP A 218 13.21 3.93 1.30
C ASP A 218 14.44 4.79 1.55
N ARG A 219 15.49 4.13 2.03
CA ARG A 219 16.80 4.77 2.24
C ARG A 219 17.50 4.99 0.89
N GLY A 220 18.43 5.95 0.88
CA GLY A 220 19.15 6.25 -0.35
C GLY A 220 20.19 5.19 -0.70
N ALA A 221 20.62 5.22 -1.98
CA ALA A 221 21.62 4.25 -2.42
C ALA A 221 22.99 4.56 -1.84
N LEU A 222 23.40 5.83 -1.88
CA LEU A 222 24.68 6.27 -1.34
C LEU A 222 24.48 7.54 -0.50
N ASP A 223 23.93 8.57 -1.12
CA ASP A 223 23.45 9.73 -0.40
C ASP A 223 22.01 9.46 0.04
N ASP A 224 21.29 10.47 0.53
CA ASP A 224 20.13 10.21 1.37
C ASP A 224 18.79 10.57 0.71
N THR A 225 17.76 9.85 1.13
CA THR A 225 16.38 10.28 0.95
C THR A 225 16.09 11.33 2.00
N ILE A 226 15.45 12.43 1.60
CA ILE A 226 15.32 13.60 2.48
C ILE A 226 13.88 14.08 2.48
N ILE A 227 13.29 14.17 3.68
CA ILE A 227 11.96 14.73 3.88
C ILE A 227 12.13 16.04 4.64
N GLY A 228 11.70 17.14 4.04
CA GLY A 228 11.88 18.44 4.63
C GLY A 228 11.01 18.67 5.85
N ASN A 229 11.24 19.81 6.49
CA ASN A 229 10.48 20.19 7.66
C ASN A 229 9.01 20.44 7.31
N GLY A 230 8.12 20.10 8.24
CA GLY A 230 6.72 20.46 8.11
C GLY A 230 5.95 19.70 7.04
N VAL A 231 6.59 18.70 6.43
CA VAL A 231 5.95 17.87 5.41
C VAL A 231 4.90 16.97 6.05
N ILE A 232 3.78 16.79 5.36
CA ILE A 232 2.77 15.82 5.78
C ILE A 232 2.57 14.81 4.65
N ILE A 233 2.57 13.53 5.01
CA ILE A 233 2.46 12.43 4.06
C ILE A 233 1.37 11.52 4.59
N ASP A 234 0.43 11.15 3.73
CA ASP A 234 -0.77 10.40 4.08
C ASP A 234 -0.45 8.90 4.06
N ASN A 235 -1.48 8.04 4.10
CA ASN A 235 -1.32 6.60 4.13
C ASN A 235 -0.96 6.04 2.76
N GLN A 236 -0.38 4.83 2.77
CA GLN A 236 -0.19 4.03 1.57
C GLN A 236 0.71 4.71 0.53
N CYS A 237 1.58 5.63 0.94
CA CYS A 237 2.46 6.30 -0.02
C CYS A 237 3.78 5.54 -0.14
N GLN A 238 4.41 5.64 -1.31
CA GLN A 238 5.74 5.07 -1.52
C GLN A 238 6.68 6.21 -1.91
N ILE A 239 7.73 6.40 -1.13
CA ILE A 239 8.75 7.40 -1.41
C ILE A 239 10.04 6.64 -1.66
N ALA A 240 10.48 6.60 -2.91
CA ALA A 240 11.58 5.74 -3.31
C ALA A 240 12.91 6.34 -2.88
N HIS A 241 13.97 5.58 -3.11
CA HIS A 241 15.29 6.01 -2.67
C HIS A 241 15.72 7.29 -3.34
N ASN A 242 16.30 8.17 -2.53
CA ASN A 242 16.92 9.42 -2.96
C ASN A 242 15.90 10.47 -3.41
N VAL A 243 14.62 10.30 -3.08
CA VAL A 243 13.66 11.37 -3.24
C VAL A 243 13.99 12.48 -2.27
N VAL A 244 13.80 13.72 -2.71
CA VAL A 244 13.94 14.89 -1.85
C VAL A 244 12.61 15.65 -1.88
N ILE A 245 12.04 15.91 -0.72
CA ILE A 245 10.77 16.61 -0.62
C ILE A 245 10.99 17.90 0.17
N GLY A 246 10.64 19.04 -0.44
CA GLY A 246 10.88 20.33 0.19
C GLY A 246 9.92 20.62 1.33
N ASP A 247 10.30 21.61 2.13
CA ASP A 247 9.56 21.93 3.35
C ASP A 247 8.10 22.24 3.05
N ASN A 248 7.22 21.80 3.95
CA ASN A 248 5.79 22.13 3.97
C ASN A 248 5.01 21.51 2.82
N THR A 249 5.62 20.61 2.06
CA THR A 249 4.88 19.95 1.01
C THR A 249 3.94 18.90 1.60
N ALA A 250 2.78 18.72 0.95
CA ALA A 250 1.74 17.79 1.37
C ALA A 250 1.54 16.73 0.30
N VAL A 251 1.51 15.45 0.74
CA VAL A 251 1.38 14.30 -0.14
C VAL A 251 0.17 13.49 0.33
N ALA A 252 -0.88 13.42 -0.51
CA ALA A 252 -2.10 12.72 -0.11
C ALA A 252 -1.94 11.21 -0.30
N GLY A 253 -2.99 10.45 0.05
CA GLY A 253 -2.86 9.00 0.18
C GLY A 253 -2.60 8.29 -1.14
N GLY A 254 -1.82 7.20 -1.05
CA GLY A 254 -1.58 6.31 -2.19
C GLY A 254 -0.69 6.87 -3.28
N VAL A 255 0.05 7.92 -3.01
CA VAL A 255 0.95 8.47 -4.02
C VAL A 255 2.19 7.60 -4.14
N ILE A 256 2.64 7.37 -5.38
CA ILE A 256 3.85 6.60 -5.66
C ILE A 256 4.87 7.56 -6.28
N MET A 257 6.05 7.66 -5.67
CA MET A 257 7.14 8.49 -6.19
C MET A 257 8.34 7.62 -6.52
N ALA A 258 8.87 7.79 -7.73
CA ALA A 258 10.00 6.99 -8.18
C ALA A 258 11.31 7.62 -7.72
N GLY A 259 12.41 6.89 -7.92
CA GLY A 259 13.67 7.29 -7.31
C GLY A 259 14.19 8.61 -7.84
N SER A 260 14.81 9.38 -6.95
CA SER A 260 15.56 10.59 -7.29
C SER A 260 14.67 11.73 -7.75
N LEU A 261 13.37 11.64 -7.50
CA LEU A 261 12.50 12.78 -7.69
C LEU A 261 12.88 13.87 -6.69
N LYS A 262 12.80 15.13 -7.11
CA LYS A 262 12.94 16.26 -6.22
C LYS A 262 11.67 17.09 -6.33
N ILE A 263 10.99 17.26 -5.19
CA ILE A 263 9.78 18.08 -5.09
C ILE A 263 10.12 19.32 -4.25
N GLY A 264 9.70 20.50 -4.73
CA GLY A 264 9.96 21.71 -4.00
C GLY A 264 9.12 21.92 -2.76
N ARG A 265 9.10 23.16 -2.27
CA ARG A 265 8.33 23.54 -1.09
C ARG A 265 6.89 23.88 -1.43
N TYR A 266 6.02 23.72 -0.45
CA TYR A 266 4.62 24.15 -0.53
C TYR A 266 3.89 23.49 -1.70
N CYS A 267 4.29 22.29 -2.06
CA CYS A 267 3.56 21.55 -3.09
C CYS A 267 2.42 20.77 -2.46
N MET A 268 1.47 20.38 -3.32
CA MET A 268 0.31 19.61 -2.87
C MET A 268 0.06 18.53 -3.90
N ILE A 269 0.30 17.29 -3.51
CA ILE A 269 0.24 16.15 -4.44
C ILE A 269 -1.01 15.37 -4.11
N GLY A 270 -1.94 15.34 -5.05
CA GLY A 270 -3.23 14.71 -4.82
C GLY A 270 -3.14 13.20 -4.77
N GLY A 271 -4.17 12.62 -4.15
CA GLY A 271 -4.16 11.20 -3.87
C GLY A 271 -3.99 10.35 -5.12
N ALA A 272 -3.21 9.28 -4.99
CA ALA A 272 -3.03 8.25 -6.00
C ALA A 272 -2.29 8.75 -7.23
N SER A 273 -1.67 9.92 -7.15
CA SER A 273 -0.80 10.36 -8.23
C SER A 273 0.41 9.45 -8.37
N VAL A 274 1.04 9.51 -9.54
CA VAL A 274 2.22 8.71 -9.85
C VAL A 274 3.26 9.68 -10.38
N ILE A 275 4.39 9.79 -9.68
CA ILE A 275 5.39 10.79 -10.04
C ILE A 275 6.67 10.07 -10.41
N ASN A 276 7.08 10.21 -11.66
CA ASN A 276 8.30 9.56 -12.11
C ASN A 276 9.52 10.28 -11.55
N GLY A 277 10.67 9.64 -11.66
CA GLY A 277 11.86 10.05 -10.96
C GLY A 277 12.85 10.80 -11.84
N HIS A 278 14.03 11.03 -11.26
CA HIS A 278 15.14 11.72 -11.95
C HIS A 278 14.65 13.00 -12.62
N MET A 279 13.79 13.73 -11.92
CA MET A 279 13.28 14.98 -12.42
C MET A 279 12.89 15.83 -11.22
N GLU A 280 12.53 17.09 -11.48
CA GLU A 280 12.24 18.03 -10.43
C GLU A 280 10.88 18.67 -10.62
N ILE A 281 10.21 18.93 -9.50
CA ILE A 281 8.97 19.69 -9.45
C ILE A 281 9.26 20.93 -8.64
N CYS A 282 8.95 22.12 -9.19
CA CYS A 282 9.30 23.38 -8.54
C CYS A 282 8.38 23.67 -7.34
N ASP A 283 8.66 24.76 -6.63
CA ASP A 283 7.81 25.13 -5.50
C ASP A 283 6.38 25.43 -5.95
N LYS A 284 5.44 25.21 -5.04
CA LYS A 284 4.07 25.71 -5.16
C LYS A 284 3.34 25.08 -6.35
N VAL A 285 3.54 23.78 -6.53
CA VAL A 285 2.84 23.01 -7.55
C VAL A 285 1.78 22.16 -6.87
N THR A 286 0.59 22.14 -7.47
CA THR A 286 -0.50 21.24 -7.10
C THR A 286 -0.72 20.26 -8.24
N VAL A 287 -0.71 18.97 -7.92
CA VAL A 287 -1.09 17.90 -8.85
C VAL A 287 -2.38 17.28 -8.33
N THR A 288 -3.42 17.28 -9.17
CA THR A 288 -4.70 16.75 -8.71
C THR A 288 -4.67 15.22 -8.73
N GLY A 289 -5.60 14.63 -7.97
CA GLY A 289 -5.63 13.18 -7.79
C GLY A 289 -5.44 12.34 -9.04
N MET A 290 -4.65 11.27 -8.91
CA MET A 290 -4.36 10.33 -9.98
C MET A 290 -3.50 10.93 -11.08
N GLY A 291 -2.87 12.08 -10.83
CA GLY A 291 -2.06 12.71 -11.86
C GLY A 291 -0.92 11.81 -12.29
N MET A 292 -0.67 11.77 -13.60
CA MET A 292 0.40 10.97 -14.18
C MET A 292 1.52 11.93 -14.55
N VAL A 293 2.54 12.02 -13.69
CA VAL A 293 3.58 13.03 -13.83
C VAL A 293 4.77 12.37 -14.50
N MET A 294 4.97 12.70 -15.77
CA MET A 294 6.06 12.15 -16.55
C MET A 294 7.17 13.15 -16.84
N ARG A 295 6.90 14.44 -16.70
CA ARG A 295 7.88 15.44 -17.06
C ARG A 295 8.14 16.36 -15.89
N PRO A 296 9.31 17.00 -15.88
CA PRO A 296 9.57 18.04 -14.87
C PRO A 296 8.50 19.11 -14.90
N ILE A 297 8.24 19.71 -13.74
CA ILE A 297 7.30 20.84 -13.64
C ILE A 297 8.11 22.07 -13.22
N THR A 298 8.12 23.09 -14.07
CA THR A 298 8.98 24.24 -13.86
C THR A 298 8.23 25.52 -13.54
N GLU A 299 6.90 25.50 -13.57
CA GLU A 299 6.15 26.68 -13.18
C GLU A 299 5.15 26.30 -12.11
N PRO A 300 4.95 27.14 -11.11
CA PRO A 300 3.93 26.86 -10.11
C PRO A 300 2.54 26.91 -10.73
N GLY A 301 1.59 26.24 -10.06
CA GLY A 301 0.23 26.17 -10.54
C GLY A 301 -0.34 24.77 -10.39
N VAL A 302 -1.54 24.58 -10.93
CA VAL A 302 -2.30 23.33 -10.80
C VAL A 302 -2.19 22.55 -12.09
N TYR A 303 -1.91 21.25 -11.98
CA TYR A 303 -1.72 20.36 -13.10
C TYR A 303 -2.55 19.10 -12.90
N SER A 304 -3.06 18.54 -14.00
CA SER A 304 -4.02 17.44 -13.91
C SER A 304 -3.83 16.47 -15.06
N SER A 305 -4.33 15.25 -14.87
CA SER A 305 -4.36 14.27 -15.96
C SER A 305 -5.50 13.30 -15.73
N GLY A 306 -5.81 12.55 -16.77
CA GLY A 306 -6.74 11.42 -16.68
C GLY A 306 -8.07 11.74 -17.35
N ILE A 307 -8.65 10.72 -17.98
CA ILE A 307 -9.98 10.81 -18.55
C ILE A 307 -10.96 10.20 -17.55
N PRO A 308 -11.88 10.97 -17.01
CA PRO A 308 -12.69 10.48 -15.87
C PRO A 308 -13.83 9.56 -16.30
N LEU A 309 -14.54 9.09 -15.29
CA LEU A 309 -15.56 8.05 -15.41
C LEU A 309 -16.65 8.40 -16.42
N GLN A 310 -17.13 7.37 -17.12
CA GLN A 310 -18.33 7.45 -17.92
C GLN A 310 -19.15 6.19 -17.67
N PRO A 311 -20.43 6.20 -18.03
CA PRO A 311 -21.17 4.94 -18.05
C PRO A 311 -20.41 3.94 -18.90
N ASN A 312 -20.41 2.68 -18.48
CA ASN A 312 -19.60 1.69 -19.19
C ASN A 312 -19.90 1.69 -20.69
N LYS A 313 -21.17 1.81 -21.08
CA LYS A 313 -21.50 1.76 -22.50
C LYS A 313 -20.80 2.88 -23.26
N VAL A 314 -20.79 4.07 -22.68
CA VAL A 314 -20.12 5.21 -23.29
C VAL A 314 -18.61 5.02 -23.26
N TRP A 315 -18.08 4.51 -22.14
CA TRP A 315 -16.62 4.33 -22.03
C TRP A 315 -16.10 3.40 -23.13
N ARG A 316 -16.82 2.30 -23.39
CA ARG A 316 -16.36 1.39 -24.44
C ARG A 316 -16.10 2.11 -25.74
N LYS A 317 -16.99 3.04 -26.11
CA LYS A 317 -16.84 3.75 -27.36
C LYS A 317 -15.75 4.82 -27.25
N THR A 318 -15.70 5.54 -26.13
CA THR A 318 -14.64 6.52 -25.91
C THR A 318 -13.26 5.88 -26.03
N ALA A 319 -13.06 4.77 -25.33
CA ALA A 319 -11.74 4.14 -25.31
C ALA A 319 -11.36 3.57 -26.67
N ALA A 320 -12.33 3.00 -27.39
CA ALA A 320 -12.02 2.45 -28.71
C ALA A 320 -11.62 3.55 -29.68
N LEU A 321 -12.36 4.67 -29.66
CA LEU A 321 -12.03 5.79 -30.54
C LEU A 321 -10.68 6.40 -30.18
N VAL A 322 -10.41 6.58 -28.89
CA VAL A 322 -9.11 7.13 -28.48
C VAL A 322 -7.97 6.23 -28.93
N MET A 323 -8.13 4.92 -28.75
CA MET A 323 -7.05 4.03 -29.16
C MET A 323 -6.81 4.08 -30.65
N ASN A 324 -7.82 4.48 -31.45
CA ASN A 324 -7.67 4.64 -32.89
C ASN A 324 -7.55 6.11 -33.30
N ILE A 325 -7.06 6.98 -32.40
CA ILE A 325 -7.03 8.41 -32.71
C ILE A 325 -5.97 8.71 -33.78
N ASP A 326 -4.95 7.87 -33.94
CA ASP A 326 -4.01 8.09 -35.04
C ASP A 326 -4.72 7.97 -36.39
N ASP A 327 -5.63 7.01 -36.53
CA ASP A 327 -6.39 6.91 -37.77
C ASP A 327 -7.30 8.11 -37.97
N MET A 328 -7.90 8.62 -36.88
CA MET A 328 -8.70 9.84 -36.98
C MET A 328 -7.84 11.01 -37.44
N SER A 329 -6.63 11.12 -36.88
CA SER A 329 -5.72 12.19 -37.26
C SER A 329 -5.34 12.10 -38.73
N LYS A 330 -4.99 10.90 -39.19
CA LYS A 330 -4.66 10.72 -40.60
C LYS A 330 -5.84 11.11 -41.49
N ARG A 331 -7.05 10.70 -41.10
CA ARG A 331 -8.22 11.04 -41.92
C ARG A 331 -8.45 12.54 -41.96
N LEU A 332 -8.31 13.22 -40.83
CA LEU A 332 -8.43 14.67 -40.83
C LEU A 332 -7.40 15.31 -41.76
N LYS A 333 -6.15 14.84 -41.70
CA LYS A 333 -5.12 15.42 -42.56
C LYS A 333 -5.44 15.16 -44.02
N SER A 334 -5.94 13.97 -44.34
CA SER A 334 -6.28 13.67 -45.73
C SER A 334 -7.40 14.57 -46.22
N LEU A 335 -8.42 14.78 -45.38
CA LEU A 335 -9.53 15.66 -45.74
C LEU A 335 -9.05 17.10 -45.95
N GLU A 336 -8.18 17.59 -45.06
CA GLU A 336 -7.58 18.90 -45.30
C GLU A 336 -6.87 18.94 -46.66
N ARG A 337 -6.02 17.94 -46.92
CA ARG A 337 -5.29 17.90 -48.18
C ARG A 337 -6.25 17.95 -49.37
N LYS A 338 -7.40 17.30 -49.25
CA LYS A 338 -8.34 17.25 -50.36
C LYS A 338 -9.11 18.55 -50.53
N VAL A 339 -9.52 19.16 -49.42
CA VAL A 339 -10.30 20.38 -49.48
C VAL A 339 -9.43 21.58 -49.89
N GLY B 4 36.01 -4.67 7.76
CA GLY B 4 35.42 -4.08 6.57
C GLY B 4 36.49 -3.50 5.64
N SER B 5 37.40 -2.69 6.18
CA SER B 5 38.40 -2.02 5.36
C SER B 5 39.32 -3.03 4.67
N ILE B 6 39.89 -2.58 3.56
CA ILE B 6 40.61 -3.48 2.66
C ILE B 6 41.64 -2.66 1.89
N ARG B 7 42.80 -3.26 1.64
CA ARG B 7 43.79 -2.58 0.80
C ARG B 7 43.27 -2.47 -0.62
N LEU B 8 43.59 -1.35 -1.27
CA LEU B 8 43.11 -1.14 -2.64
C LEU B 8 43.53 -2.27 -3.55
N ALA B 9 44.76 -2.76 -3.40
CA ALA B 9 45.24 -3.84 -4.26
C ALA B 9 44.38 -5.08 -4.12
N ASP B 10 44.00 -5.42 -2.88
CA ASP B 10 43.16 -6.59 -2.66
C ASP B 10 41.75 -6.37 -3.20
N LEU B 11 41.19 -5.17 -3.01
CA LEU B 11 39.90 -4.87 -3.59
C LEU B 11 39.95 -4.97 -5.11
N ALA B 12 41.01 -4.44 -5.72
CA ALA B 12 41.13 -4.48 -7.17
C ALA B 12 41.15 -5.91 -7.68
N GLN B 13 41.89 -6.78 -6.99
CA GLN B 13 41.93 -8.19 -7.39
C GLN B 13 40.55 -8.81 -7.31
N GLN B 14 39.82 -8.57 -6.21
CA GLN B 14 38.50 -9.17 -6.04
C GLN B 14 37.51 -8.67 -7.07
N LEU B 15 37.71 -7.46 -7.60
CA LEU B 15 36.83 -6.91 -8.63
C LEU B 15 37.35 -7.21 -10.04
N ASP B 16 38.46 -7.92 -10.16
CA ASP B 16 39.10 -8.14 -11.45
C ASP B 16 39.33 -6.82 -12.17
N ALA B 17 39.86 -5.85 -11.45
CA ALA B 17 40.09 -4.52 -11.99
C ALA B 17 41.59 -4.26 -12.11
N GLU B 18 41.96 -3.43 -13.08
CA GLU B 18 43.35 -3.02 -13.25
C GLU B 18 43.65 -1.82 -12.36
N LEU B 19 44.62 -1.97 -11.47
CA LEU B 19 44.96 -0.91 -10.52
C LEU B 19 45.98 0.05 -11.10
N HIS B 20 45.65 1.34 -11.06
CA HIS B 20 46.57 2.42 -11.38
C HIS B 20 46.69 3.28 -10.14
N GLY B 21 47.78 3.12 -9.39
CA GLY B 21 47.98 3.89 -8.19
C GLY B 21 48.46 3.00 -7.05
N ASP B 22 48.37 3.54 -5.84
CA ASP B 22 49.03 2.95 -4.69
C ASP B 22 48.15 1.86 -4.09
N GLY B 23 48.55 0.60 -4.29
CA GLY B 23 47.76 -0.51 -3.80
C GLY B 23 47.67 -0.59 -2.28
N ASP B 24 48.52 0.15 -1.56
CA ASP B 24 48.46 0.11 -0.10
C ASP B 24 47.40 1.03 0.47
N ILE B 25 46.77 1.88 -0.35
CA ILE B 25 45.67 2.70 0.14
C ILE B 25 44.63 1.82 0.81
N VAL B 26 44.13 2.27 1.96
CA VAL B 26 43.13 1.53 2.72
C VAL B 26 41.76 2.12 2.40
N ILE B 27 40.88 1.29 1.85
CA ILE B 27 39.52 1.68 1.52
C ILE B 27 38.61 1.26 2.66
N THR B 28 37.81 2.20 3.17
CA THR B 28 36.93 1.91 4.30
C THR B 28 35.47 1.80 3.91
N GLY B 29 35.09 2.29 2.73
CA GLY B 29 33.71 2.24 2.32
C GLY B 29 33.53 2.82 0.93
N VAL B 30 32.28 2.78 0.47
CA VAL B 30 31.88 3.34 -0.81
C VAL B 30 31.11 4.63 -0.54
N ALA B 31 31.28 5.61 -1.44
CA ALA B 31 30.54 6.86 -1.34
C ALA B 31 30.28 7.37 -2.75
N SER B 32 29.31 8.29 -2.86
CA SER B 32 29.08 8.98 -4.12
C SER B 32 30.25 9.90 -4.45
N MET B 33 30.31 10.33 -5.71
CA MET B 33 31.42 11.20 -6.10
C MET B 33 31.41 12.49 -5.28
N GLN B 34 30.22 13.06 -5.05
CA GLN B 34 30.10 14.34 -4.36
C GLN B 34 30.44 14.22 -2.87
N SER B 35 30.11 13.10 -2.24
CA SER B 35 30.32 12.95 -0.80
C SER B 35 31.64 12.29 -0.43
N ALA B 36 32.35 11.70 -1.39
CA ALA B 36 33.48 10.83 -1.07
C ALA B 36 34.62 11.60 -0.41
N GLN B 37 35.19 10.99 0.64
CA GLN B 37 36.34 11.55 1.34
C GLN B 37 37.48 10.56 1.44
N THR B 38 38.53 10.91 2.17
CA THR B 38 39.67 10.00 2.29
C THR B 38 39.18 8.66 2.83
N GLY B 39 39.67 7.58 2.23
CA GLY B 39 39.25 6.24 2.61
C GLY B 39 38.12 5.67 1.78
N HIS B 40 37.38 6.51 1.05
CA HIS B 40 36.27 6.03 0.26
C HIS B 40 36.73 5.67 -1.15
N ILE B 41 36.07 4.65 -1.72
CA ILE B 41 36.14 4.43 -3.15
C ILE B 41 34.82 4.88 -3.76
N THR B 42 34.88 5.48 -4.95
CA THR B 42 33.68 5.84 -5.67
C THR B 42 33.82 5.34 -7.11
N PHE B 43 32.93 5.78 -8.00
CA PHE B 43 32.93 5.31 -9.37
C PHE B 43 32.41 6.42 -10.27
N MET B 44 32.81 6.38 -11.54
CA MET B 44 32.33 7.31 -12.54
C MET B 44 31.71 6.52 -13.68
N VAL B 45 30.46 6.81 -14.00
CA VAL B 45 29.82 6.26 -15.19
C VAL B 45 29.60 7.30 -16.26
N ASN B 46 29.59 8.58 -15.91
CA ASN B 46 29.30 9.65 -16.88
C ASN B 46 30.57 10.43 -17.19
N PRO B 47 31.09 10.33 -18.41
CA PRO B 47 32.37 11.01 -18.72
C PRO B 47 32.31 12.52 -18.64
N LYS B 48 31.11 13.11 -18.51
CA LYS B 48 31.03 14.55 -18.29
C LYS B 48 31.72 14.96 -17.01
N TYR B 49 31.90 14.03 -16.06
CA TYR B 49 32.57 14.37 -14.81
C TYR B 49 34.09 14.25 -14.87
N ARG B 50 34.69 13.92 -16.03
CA ARG B 50 36.14 13.87 -16.10
C ARG B 50 36.77 15.18 -15.61
N GLU B 51 36.24 16.31 -16.09
CA GLU B 51 36.76 17.61 -15.69
C GLU B 51 36.54 17.90 -14.21
N HIS B 52 35.69 17.11 -13.55
CA HIS B 52 35.27 17.32 -12.16
C HIS B 52 36.02 16.43 -11.17
N LEU B 53 36.81 15.46 -11.66
CA LEU B 53 37.48 14.52 -10.77
C LEU B 53 38.42 15.22 -9.79
N GLY B 54 38.97 16.38 -10.17
CA GLY B 54 39.85 17.11 -9.25
C GLY B 54 39.13 17.63 -8.02
N LEU B 55 37.80 17.75 -8.10
CA LEU B 55 36.97 18.12 -6.96
C LEU B 55 36.56 16.93 -6.10
N CYS B 56 36.66 15.71 -6.64
CA CYS B 56 36.31 14.51 -5.89
C CYS B 56 37.45 14.13 -4.96
N GLN B 57 37.14 13.91 -3.68
CA GLN B 57 38.19 13.62 -2.71
C GLN B 57 38.21 12.16 -2.28
N ALA B 58 37.61 11.27 -3.07
CA ALA B 58 37.75 9.83 -2.86
C ALA B 58 39.23 9.42 -2.90
N SER B 59 39.56 8.35 -2.17
CA SER B 59 40.88 7.75 -2.27
C SER B 59 41.08 6.97 -3.57
N ALA B 60 40.00 6.55 -4.21
CA ALA B 60 40.10 5.77 -5.44
C ALA B 60 38.80 5.92 -6.20
N VAL B 61 38.92 5.90 -7.53
CA VAL B 61 37.75 6.03 -8.40
C VAL B 61 37.75 4.88 -9.40
N VAL B 62 36.62 4.19 -9.52
CA VAL B 62 36.41 3.16 -10.54
C VAL B 62 36.00 3.84 -11.84
N MET B 63 36.66 3.49 -12.93
CA MET B 63 36.40 4.16 -14.21
C MET B 63 36.80 3.21 -15.35
N THR B 64 36.63 3.67 -16.58
CA THR B 64 37.04 2.90 -17.75
C THR B 64 38.42 3.33 -18.23
N GLN B 65 38.97 2.55 -19.15
CA GLN B 65 40.25 2.89 -19.76
C GLN B 65 40.20 4.26 -20.42
N ASP B 66 39.07 4.62 -21.03
CA ASP B 66 38.95 5.92 -21.70
C ASP B 66 38.97 7.08 -20.72
N ASP B 67 38.55 6.81 -19.47
CA ASP B 67 38.57 7.81 -18.42
C ASP B 67 39.95 8.02 -17.83
N LEU B 68 40.80 6.99 -17.88
CA LEU B 68 42.02 6.99 -17.08
C LEU B 68 42.89 8.22 -17.28
N PRO B 69 43.05 8.78 -18.48
CA PRO B 69 43.91 9.97 -18.62
C PRO B 69 43.41 11.16 -17.81
N PHE B 70 42.14 11.15 -17.40
CA PHE B 70 41.53 12.23 -16.64
C PHE B 70 41.60 12.03 -15.13
N ALA B 71 42.16 10.92 -14.67
CA ALA B 71 42.12 10.63 -13.23
C ALA B 71 42.93 11.65 -12.46
N LYS B 72 42.46 11.97 -11.25
CA LYS B 72 43.23 12.74 -10.28
C LYS B 72 43.23 12.00 -8.95
N SER B 73 43.43 10.69 -9.00
CA SER B 73 43.38 9.79 -7.87
C SER B 73 43.88 8.44 -8.34
N ALA B 74 44.12 7.54 -7.38
CA ALA B 74 44.22 6.13 -7.72
C ALA B 74 42.97 5.70 -8.48
N ALA B 75 43.14 4.83 -9.47
CA ALA B 75 42.02 4.44 -10.33
C ALA B 75 41.96 2.93 -10.48
N LEU B 76 40.75 2.38 -10.43
CA LEU B 76 40.50 1.00 -10.83
C LEU B 76 39.84 1.02 -12.20
N VAL B 77 40.52 0.44 -13.19
CA VAL B 77 39.99 0.43 -14.56
C VAL B 77 39.29 -0.90 -14.79
N VAL B 78 38.05 -0.83 -15.26
CA VAL B 78 37.20 -1.98 -15.52
C VAL B 78 36.41 -1.68 -16.79
N LYS B 79 35.75 -2.71 -17.32
CA LYS B 79 34.88 -2.54 -18.47
C LYS B 79 33.52 -1.98 -18.10
N ASN B 80 33.02 -2.28 -16.90
CA ASN B 80 31.66 -1.95 -16.49
C ASN B 80 31.73 -1.33 -15.10
N PRO B 81 31.97 -0.02 -15.01
CA PRO B 81 32.03 0.62 -13.68
C PRO B 81 30.76 0.43 -12.84
N TYR B 82 29.57 0.41 -13.46
CA TYR B 82 28.34 0.26 -12.68
C TYR B 82 28.28 -1.10 -12.00
N LEU B 83 28.55 -2.17 -12.77
CA LEU B 83 28.53 -3.50 -12.18
C LEU B 83 29.63 -3.65 -11.14
N THR B 84 30.81 -3.08 -11.41
CA THR B 84 31.87 -3.11 -10.43
C THR B 84 31.48 -2.37 -9.16
N TYR B 85 30.72 -1.27 -9.32
CA TYR B 85 30.20 -0.57 -8.16
C TYR B 85 29.30 -1.48 -7.34
N ALA B 86 28.35 -2.16 -7.99
CA ALA B 86 27.49 -3.09 -7.25
C ALA B 86 28.32 -4.11 -6.49
N ARG B 87 29.34 -4.68 -7.14
CA ARG B 87 30.13 -5.72 -6.49
CA ARG B 87 30.13 -5.72 -6.49
C ARG B 87 30.96 -5.16 -5.34
N MET B 88 31.54 -3.96 -5.52
CA MET B 88 32.37 -3.43 -4.44
C MET B 88 31.51 -2.95 -3.28
N ALA B 89 30.30 -2.44 -3.57
CA ALA B 89 29.37 -2.09 -2.51
C ALA B 89 28.95 -3.32 -1.69
N GLN B 90 28.89 -4.49 -2.33
CA GLN B 90 28.64 -5.70 -1.54
C GLN B 90 29.84 -6.04 -0.67
N ILE B 91 31.05 -5.95 -1.22
CA ILE B 91 32.24 -6.28 -0.45
C ILE B 91 32.36 -5.37 0.78
N LEU B 92 32.05 -4.09 0.61
CA LEU B 92 32.14 -3.09 1.67
C LEU B 92 30.78 -2.76 2.30
N ASP B 93 29.80 -3.65 2.17
CA ASP B 93 28.46 -3.37 2.66
C ASP B 93 28.46 -3.07 4.16
N THR B 94 27.81 -1.96 4.54
CA THR B 94 27.64 -1.62 5.95
C THR B 94 26.27 -2.00 6.50
N THR B 95 25.41 -2.61 5.69
CA THR B 95 24.06 -2.97 6.16
C THR B 95 24.16 -4.00 7.28
N PRO B 96 23.57 -3.74 8.44
CA PRO B 96 23.60 -4.74 9.51
C PRO B 96 22.67 -5.91 9.17
N GLN B 97 22.78 -6.98 10.00
CA GLN B 97 21.85 -8.10 9.86
C GLN B 97 20.57 -7.81 10.62
N PRO B 98 19.45 -8.40 10.20
CA PRO B 98 18.19 -8.19 10.95
C PRO B 98 18.24 -8.73 12.36
N ALA B 99 19.10 -9.72 12.63
CA ALA B 99 19.22 -10.30 13.96
C ALA B 99 20.52 -11.06 14.05
N GLN B 100 20.91 -11.38 15.29
CA GLN B 100 22.05 -12.26 15.57
C GLN B 100 21.71 -13.13 16.76
N ASN B 101 21.92 -14.44 16.62
CA ASN B 101 21.63 -15.38 17.70
C ASN B 101 20.11 -15.53 17.86
N ILE B 102 19.66 -16.29 18.85
CA ILE B 102 18.24 -16.47 19.10
C ILE B 102 17.86 -15.61 20.31
N ALA B 103 17.00 -14.62 20.10
CA ALA B 103 16.67 -13.68 21.16
C ALA B 103 15.83 -14.36 22.25
N PRO B 104 16.08 -14.05 23.53
CA PRO B 104 15.27 -14.65 24.60
C PRO B 104 13.80 -14.28 24.54
N SER B 105 13.47 -13.11 23.99
CA SER B 105 12.08 -12.67 23.90
C SER B 105 11.34 -13.24 22.69
N ALA B 106 12.03 -13.92 21.78
CA ALA B 106 11.34 -14.59 20.68
C ALA B 106 10.53 -15.76 21.24
N VAL B 107 9.42 -16.07 20.58
CA VAL B 107 8.54 -17.15 21.03
C VAL B 107 8.52 -18.21 19.93
N ILE B 108 9.12 -19.35 20.22
CA ILE B 108 9.43 -20.37 19.23
C ILE B 108 8.77 -21.68 19.65
N ASP B 109 7.88 -22.19 18.81
CA ASP B 109 7.19 -23.43 19.13
C ASP B 109 8.18 -24.58 19.22
N ALA B 110 7.89 -25.52 20.13
CA ALA B 110 8.83 -26.60 20.40
C ALA B 110 9.04 -27.50 19.18
N THR B 111 8.07 -27.51 18.25
CA THR B 111 8.20 -28.37 17.08
C THR B 111 8.87 -27.67 15.90
N ALA B 112 9.24 -26.40 16.03
CA ALA B 112 9.97 -25.73 14.97
C ALA B 112 11.34 -26.35 14.82
N LYS B 113 11.81 -26.47 13.58
CA LYS B 113 13.11 -27.05 13.27
C LYS B 113 14.02 -25.97 12.75
N LEU B 114 15.21 -25.85 13.36
CA LEU B 114 16.16 -24.81 12.98
C LEU B 114 17.43 -25.45 12.42
N GLY B 115 17.98 -24.86 11.36
CA GLY B 115 19.26 -25.25 10.84
C GLY B 115 20.38 -24.67 11.65
N ASN B 116 21.58 -24.69 11.08
CA ASN B 116 22.75 -24.15 11.76
C ASN B 116 22.84 -22.64 11.57
N ASN B 117 23.30 -21.94 12.60
CA ASN B 117 23.59 -20.52 12.54
C ASN B 117 22.36 -19.71 12.12
N VAL B 118 21.21 -20.07 12.68
CA VAL B 118 19.98 -19.30 12.52
C VAL B 118 19.98 -18.17 13.54
N SER B 119 19.47 -17.01 13.14
CA SER B 119 19.27 -15.89 14.05
C SER B 119 17.80 -15.50 14.03
N ILE B 120 17.25 -15.20 15.20
CA ILE B 120 15.85 -14.86 15.37
C ILE B 120 15.77 -13.65 16.30
N GLY B 121 15.20 -12.57 15.81
CA GLY B 121 15.21 -11.31 16.51
C GLY B 121 14.21 -11.24 17.64
N ALA B 122 14.34 -10.19 18.44
CA ALA B 122 13.52 -10.01 19.63
C ALA B 122 12.04 -10.00 19.26
N ASN B 123 11.24 -10.71 20.06
CA ASN B 123 9.78 -10.75 19.98
C ASN B 123 9.25 -11.33 18.67
N ALA B 124 10.10 -11.96 17.86
CA ALA B 124 9.58 -12.72 16.73
C ALA B 124 8.80 -13.92 17.25
N VAL B 125 7.87 -14.41 16.44
CA VAL B 125 6.98 -15.49 16.82
C VAL B 125 7.02 -16.56 15.72
N ILE B 126 7.43 -17.77 16.09
CA ILE B 126 7.59 -18.88 15.16
C ILE B 126 6.59 -19.96 15.55
N GLU B 127 5.71 -20.33 14.62
CA GLU B 127 4.64 -21.25 14.90
C GLU B 127 5.13 -22.71 14.84
N SER B 128 4.24 -23.62 15.21
CA SER B 128 4.56 -25.04 15.15
C SER B 128 4.89 -25.46 13.72
N GLY B 129 5.79 -26.43 13.62
CA GLY B 129 6.11 -27.06 12.35
C GLY B 129 6.96 -26.23 11.42
N VAL B 130 7.34 -25.01 11.80
CA VAL B 130 8.14 -24.18 10.91
C VAL B 130 9.52 -24.79 10.78
N GLU B 131 10.11 -24.66 9.59
CA GLU B 131 11.48 -25.11 9.33
C GLU B 131 12.27 -23.94 8.79
N LEU B 132 13.36 -23.59 9.48
CA LEU B 132 14.24 -22.52 9.06
C LEU B 132 15.57 -23.15 8.68
N GLY B 133 16.02 -22.89 7.45
CA GLY B 133 17.24 -23.49 6.94
C GLY B 133 18.48 -22.84 7.53
N ASP B 134 19.64 -23.39 7.13
CA ASP B 134 20.90 -22.86 7.63
C ASP B 134 21.04 -21.38 7.32
N ASN B 135 21.57 -20.64 8.29
CA ASN B 135 21.91 -19.22 8.13
C ASN B 135 20.68 -18.34 7.91
N VAL B 136 19.47 -18.85 8.17
CA VAL B 136 18.29 -18.00 8.05
C VAL B 136 18.29 -16.94 9.16
N ILE B 137 17.87 -15.73 8.81
CA ILE B 137 17.76 -14.64 9.77
C ILE B 137 16.31 -14.14 9.75
N ILE B 138 15.67 -14.18 10.91
CA ILE B 138 14.31 -13.68 11.10
C ILE B 138 14.40 -12.41 11.93
N GLY B 139 13.91 -11.30 11.39
CA GLY B 139 14.02 -10.04 12.09
C GLY B 139 13.11 -9.95 13.31
N ALA B 140 13.32 -8.89 14.08
CA ALA B 140 12.49 -8.62 15.25
C ALA B 140 11.03 -8.50 14.88
N GLY B 141 10.16 -9.05 15.72
CA GLY B 141 8.73 -8.84 15.57
C GLY B 141 8.08 -9.58 14.40
N CYS B 142 8.82 -10.42 13.68
CA CYS B 142 8.22 -11.20 12.60
C CYS B 142 7.24 -12.23 13.15
N PHE B 143 6.35 -12.69 12.25
CA PHE B 143 5.51 -13.86 12.49
C PHE B 143 5.72 -14.84 11.35
N VAL B 144 5.98 -16.10 11.68
CA VAL B 144 6.09 -17.16 10.69
C VAL B 144 5.08 -18.24 11.07
N GLY B 145 4.09 -18.46 10.19
CA GLY B 145 2.93 -19.26 10.54
C GLY B 145 3.17 -20.76 10.39
N LYS B 146 2.16 -21.53 10.80
CA LYS B 146 2.32 -22.97 10.96
C LYS B 146 2.83 -23.65 9.68
N ASN B 147 3.85 -24.50 9.85
CA ASN B 147 4.39 -25.41 8.85
C ASN B 147 5.07 -24.69 7.70
N SER B 148 5.33 -23.40 7.81
CA SER B 148 6.03 -22.72 6.73
C SER B 148 7.53 -23.07 6.77
N LYS B 149 8.16 -22.99 5.60
CA LYS B 149 9.54 -23.39 5.39
C LYS B 149 10.30 -22.25 4.74
N ILE B 150 11.44 -21.89 5.32
CA ILE B 150 12.25 -20.80 4.81
C ILE B 150 13.65 -21.35 4.51
N GLY B 151 14.09 -21.20 3.26
CA GLY B 151 15.29 -21.86 2.81
C GLY B 151 16.55 -21.18 3.28
N ALA B 152 17.65 -21.93 3.18
CA ALA B 152 18.95 -21.49 3.68
C ALA B 152 19.33 -20.11 3.15
N GLY B 153 19.92 -19.29 4.03
CA GLY B 153 20.41 -18.00 3.64
C GLY B 153 19.36 -16.90 3.53
N SER B 154 18.08 -17.25 3.61
CA SER B 154 17.03 -16.25 3.46
C SER B 154 16.92 -15.40 4.71
N ARG B 155 16.56 -14.13 4.52
CA ARG B 155 16.51 -13.16 5.60
C ARG B 155 15.22 -12.36 5.52
N LEU B 156 14.55 -12.21 6.67
CA LEU B 156 13.42 -11.32 6.83
C LEU B 156 13.83 -10.16 7.72
N TRP B 157 13.52 -8.93 7.29
CA TRP B 157 13.71 -7.78 8.15
C TRP B 157 12.63 -7.77 9.24
N ALA B 158 12.63 -6.72 10.06
CA ALA B 158 11.70 -6.64 11.18
C ALA B 158 10.26 -6.60 10.69
N ASN B 159 9.36 -7.19 11.49
CA ASN B 159 7.93 -6.97 11.30
C ASN B 159 7.44 -7.43 9.92
N VAL B 160 7.94 -8.58 9.46
CA VAL B 160 7.42 -9.28 8.28
C VAL B 160 6.45 -10.36 8.76
N THR B 161 5.37 -10.56 8.01
CA THR B 161 4.39 -11.58 8.36
C THR B 161 4.37 -12.66 7.28
N ILE B 162 4.68 -13.89 7.68
CA ILE B 162 4.55 -15.08 6.83
C ILE B 162 3.43 -15.92 7.43
N TYR B 163 2.39 -16.19 6.64
CA TYR B 163 1.32 -17.05 7.11
C TYR B 163 1.74 -18.52 7.11
N HIS B 164 0.76 -19.41 7.17
CA HIS B 164 0.98 -20.85 7.29
C HIS B 164 1.16 -21.50 5.91
N GLU B 165 1.87 -22.64 5.90
CA GLU B 165 2.08 -23.47 4.72
C GLU B 165 2.74 -22.71 3.57
N ILE B 166 3.56 -21.70 3.89
CA ILE B 166 4.28 -20.91 2.89
C ILE B 166 5.65 -21.54 2.67
N GLN B 167 6.12 -21.55 1.43
CA GLN B 167 7.46 -22.04 1.11
C GLN B 167 8.27 -20.92 0.50
N ILE B 168 9.44 -20.65 1.10
CA ILE B 168 10.37 -19.63 0.65
C ILE B 168 11.72 -20.31 0.40
N GLY B 169 12.34 -19.99 -0.73
CA GLY B 169 13.57 -20.63 -1.14
C GLY B 169 14.81 -20.09 -0.45
N GLN B 170 15.95 -20.27 -1.11
CA GLN B 170 17.25 -19.90 -0.56
C GLN B 170 17.63 -18.48 -0.95
N ASN B 171 18.31 -17.80 -0.03
CA ASN B 171 18.95 -16.51 -0.29
C ASN B 171 17.94 -15.44 -0.72
N CYS B 172 16.72 -15.53 -0.18
CA CYS B 172 15.72 -14.50 -0.37
C CYS B 172 15.93 -13.37 0.64
N LEU B 173 15.32 -12.23 0.35
CA LEU B 173 15.36 -11.09 1.26
C LEU B 173 14.00 -10.41 1.21
N ILE B 174 13.37 -10.25 2.37
CA ILE B 174 12.04 -9.67 2.43
C ILE B 174 12.09 -8.47 3.37
N GLN B 175 11.63 -7.31 2.88
CA GLN B 175 11.71 -6.09 3.67
C GLN B 175 10.51 -5.99 4.60
N SER B 176 10.58 -5.05 5.55
CA SER B 176 9.62 -4.96 6.64
C SER B 176 8.21 -4.63 6.16
N GLY B 177 7.23 -5.08 6.94
CA GLY B 177 5.84 -4.75 6.68
C GLY B 177 5.19 -5.59 5.61
N THR B 178 5.94 -6.46 4.95
CA THR B 178 5.41 -7.31 3.92
C THR B 178 4.61 -8.46 4.54
N VAL B 179 3.59 -8.91 3.81
CA VAL B 179 2.69 -9.97 4.27
C VAL B 179 2.62 -11.03 3.18
N VAL B 180 3.06 -12.24 3.47
CA VAL B 180 3.05 -13.33 2.50
C VAL B 180 2.08 -14.40 2.99
N GLY B 181 1.03 -14.64 2.20
CA GLY B 181 0.14 -15.74 2.47
C GLY B 181 -1.21 -15.37 3.08
N ALA B 182 -1.59 -14.10 3.06
CA ALA B 182 -2.93 -13.77 3.51
C ALA B 182 -3.98 -14.36 2.57
N ASP B 183 -5.21 -14.48 3.06
CA ASP B 183 -6.30 -14.99 2.24
C ASP B 183 -6.44 -14.19 0.94
N GLY B 184 -6.60 -14.88 -0.17
CA GLY B 184 -7.05 -14.24 -1.37
C GLY B 184 -8.48 -13.72 -1.22
N PHE B 185 -8.86 -12.88 -2.17
CA PHE B 185 -10.17 -12.21 -2.16
C PHE B 185 -11.23 -13.14 -2.76
N GLY B 186 -11.52 -14.23 -2.05
CA GLY B 186 -12.44 -15.23 -2.58
C GLY B 186 -13.77 -15.36 -1.86
N TYR B 187 -14.89 -15.09 -2.54
CA TYR B 187 -16.22 -15.16 -1.95
C TYR B 187 -17.23 -15.68 -2.96
N ALA B 188 -18.19 -16.46 -2.48
CA ALA B 188 -19.35 -16.88 -3.26
C ALA B 188 -20.56 -16.02 -2.90
N ASN B 189 -21.67 -16.26 -3.59
CA ASN B 189 -22.89 -15.46 -3.48
C ASN B 189 -24.06 -16.38 -3.13
N ASP B 190 -24.63 -16.19 -1.94
CA ASP B 190 -25.81 -16.96 -1.52
C ASP B 190 -26.97 -15.97 -1.38
N ARG B 191 -27.76 -15.83 -2.45
CA ARG B 191 -28.94 -14.96 -2.44
C ARG B 191 -28.60 -13.56 -1.93
N GLY B 192 -27.48 -13.02 -2.37
CA GLY B 192 -27.10 -11.67 -2.01
C GLY B 192 -26.22 -11.52 -0.79
N ASN B 193 -25.79 -12.62 -0.17
CA ASN B 193 -24.88 -12.61 0.96
C ASN B 193 -23.52 -13.16 0.53
N TRP B 194 -22.46 -12.44 0.88
CA TRP B 194 -21.11 -12.96 0.62
C TRP B 194 -20.86 -14.17 1.48
N VAL B 195 -20.30 -15.23 0.89
CA VAL B 195 -19.92 -16.44 1.60
C VAL B 195 -18.42 -16.62 1.42
N LYS B 196 -17.68 -16.64 2.53
CA LYS B 196 -16.23 -16.75 2.43
C LYS B 196 -15.83 -18.10 1.82
N ILE B 197 -14.92 -18.05 0.86
CA ILE B 197 -14.27 -19.24 0.34
C ILE B 197 -12.92 -19.39 1.05
N PRO B 198 -12.76 -20.37 1.94
CA PRO B 198 -11.44 -20.58 2.54
C PRO B 198 -10.37 -20.71 1.46
N GLN B 199 -9.23 -20.10 1.73
CA GLN B 199 -8.14 -20.02 0.75
C GLN B 199 -7.08 -21.01 1.22
N ILE B 200 -7.13 -22.22 0.68
CA ILE B 200 -6.30 -23.30 1.21
C ILE B 200 -5.15 -23.65 0.28
N GLY B 201 -4.96 -22.91 -0.79
CA GLY B 201 -3.72 -22.93 -1.52
C GLY B 201 -2.62 -22.24 -0.71
N ARG B 202 -1.47 -22.07 -1.34
CA ARG B 202 -0.29 -21.57 -0.63
C ARG B 202 0.38 -20.44 -1.42
N VAL B 203 1.53 -19.97 -0.94
CA VAL B 203 2.47 -19.18 -1.75
C VAL B 203 3.77 -19.96 -1.80
N ILE B 204 4.34 -20.10 -2.99
CA ILE B 204 5.66 -20.71 -3.19
C ILE B 204 6.57 -19.63 -3.76
N ILE B 205 7.63 -19.31 -3.04
CA ILE B 205 8.61 -18.33 -3.46
C ILE B 205 9.92 -19.06 -3.73
N GLY B 206 10.52 -18.81 -4.89
CA GLY B 206 11.73 -19.51 -5.29
C GLY B 206 12.99 -18.98 -4.60
N ASP B 207 14.12 -19.21 -5.24
CA ASP B 207 15.42 -18.77 -4.72
C ASP B 207 15.76 -17.36 -5.19
N ARG B 208 16.49 -16.64 -4.34
CA ARG B 208 17.05 -15.33 -4.70
C ARG B 208 15.97 -14.33 -5.08
N VAL B 209 14.84 -14.37 -4.36
CA VAL B 209 13.75 -13.42 -4.54
C VAL B 209 13.92 -12.29 -3.53
N GLU B 210 13.77 -11.05 -3.98
CA GLU B 210 13.79 -9.88 -3.10
C GLU B 210 12.43 -9.21 -3.17
N ILE B 211 11.85 -8.93 -2.02
CA ILE B 211 10.51 -8.35 -1.94
C ILE B 211 10.59 -7.11 -1.06
N GLY B 212 10.07 -6.00 -1.57
CA GLY B 212 10.16 -4.72 -0.89
C GLY B 212 9.21 -4.65 0.30
N ALA B 213 9.03 -3.43 0.80
CA ALA B 213 8.32 -3.20 2.05
C ALA B 213 6.83 -2.97 1.81
N CYS B 214 6.01 -3.44 2.75
CA CYS B 214 4.54 -3.34 2.67
C CYS B 214 4.02 -3.86 1.34
N THR B 215 4.59 -4.95 0.87
CA THR B 215 4.07 -5.67 -0.27
C THR B 215 3.23 -6.83 0.26
N THR B 216 2.15 -7.16 -0.46
CA THR B 216 1.29 -8.24 -0.04
C THR B 216 1.24 -9.28 -1.16
N ILE B 217 1.40 -10.55 -0.81
CA ILE B 217 1.36 -11.66 -1.75
C ILE B 217 0.40 -12.67 -1.15
N ASP B 218 -0.81 -12.77 -1.72
CA ASP B 218 -1.83 -13.63 -1.13
C ASP B 218 -1.65 -15.11 -1.51
N ARG B 219 -2.15 -15.99 -0.64
CA ARG B 219 -2.16 -17.43 -0.91
C ARG B 219 -3.25 -17.76 -1.93
N GLY B 220 -3.06 -18.87 -2.64
CA GLY B 220 -4.04 -19.31 -3.61
C GLY B 220 -5.28 -19.89 -2.98
N ALA B 221 -6.33 -20.01 -3.80
CA ALA B 221 -7.60 -20.53 -3.30
C ALA B 221 -7.53 -22.04 -3.09
N LEU B 222 -6.94 -22.77 -4.04
CA LEU B 222 -6.81 -24.23 -3.94
C LEU B 222 -5.39 -24.61 -4.36
N ASP B 223 -4.99 -24.16 -5.53
CA ASP B 223 -3.63 -24.30 -5.99
C ASP B 223 -2.88 -23.03 -5.57
N ASP B 224 -1.63 -22.86 -6.01
CA ASP B 224 -0.73 -21.93 -5.34
C ASP B 224 -0.42 -20.66 -6.15
N THR B 225 -0.19 -19.59 -5.40
CA THR B 225 0.53 -18.40 -5.87
C THR B 225 2.01 -18.74 -5.96
N ILE B 226 2.65 -18.41 -7.09
CA ILE B 226 4.03 -18.84 -7.34
C ILE B 226 4.88 -17.66 -7.79
N ILE B 227 5.99 -17.43 -7.08
CA ILE B 227 7.00 -16.45 -7.47
C ILE B 227 8.25 -17.22 -7.88
N GLY B 228 8.72 -17.00 -9.11
CA GLY B 228 9.87 -17.72 -9.60
C GLY B 228 11.17 -17.25 -8.99
N ASN B 229 12.26 -17.89 -9.43
CA ASN B 229 13.58 -17.55 -8.90
C ASN B 229 14.08 -16.23 -9.45
N GLY B 230 14.87 -15.53 -8.64
CA GLY B 230 15.52 -14.31 -9.09
C GLY B 230 14.58 -13.15 -9.32
N VAL B 231 13.33 -13.28 -8.90
CA VAL B 231 12.36 -12.20 -9.06
C VAL B 231 12.65 -11.08 -8.07
N ILE B 232 12.47 -9.83 -8.50
CA ILE B 232 12.61 -8.68 -7.61
C ILE B 232 11.32 -7.89 -7.64
N ILE B 233 10.80 -7.57 -6.46
CA ILE B 233 9.51 -6.92 -6.28
C ILE B 233 9.73 -5.75 -5.33
N ASP B 234 9.26 -4.57 -5.73
CA ASP B 234 9.49 -3.31 -5.01
C ASP B 234 8.46 -3.17 -3.89
N ASN B 235 8.40 -2.00 -3.25
CA ASN B 235 7.47 -1.72 -2.16
C ASN B 235 6.03 -1.63 -2.63
N GLN B 236 5.10 -1.88 -1.70
CA GLN B 236 3.68 -1.55 -1.88
C GLN B 236 3.05 -2.28 -3.07
N CYS B 237 3.60 -3.41 -3.50
CA CYS B 237 2.98 -4.19 -4.55
C CYS B 237 1.92 -5.11 -3.98
N GLN B 238 0.95 -5.45 -4.82
CA GLN B 238 -0.11 -6.37 -4.43
C GLN B 238 -0.13 -7.50 -5.46
N ILE B 239 0.18 -8.71 -5.01
CA ILE B 239 0.16 -9.90 -5.85
C ILE B 239 -0.99 -10.78 -5.37
N ALA B 240 -2.04 -10.88 -6.18
CA ALA B 240 -3.27 -11.54 -5.79
C ALA B 240 -3.10 -13.06 -5.72
N HIS B 241 -4.13 -13.73 -5.22
CA HIS B 241 -4.14 -15.18 -5.15
C HIS B 241 -3.94 -15.79 -6.54
N ASN B 242 -3.13 -16.85 -6.60
CA ASN B 242 -2.96 -17.67 -7.80
C ASN B 242 -2.24 -16.94 -8.93
N VAL B 243 -1.60 -15.81 -8.64
CA VAL B 243 -0.69 -15.19 -9.61
C VAL B 243 0.56 -16.06 -9.72
N VAL B 244 1.11 -16.15 -10.93
CA VAL B 244 2.36 -16.85 -11.18
C VAL B 244 3.30 -15.88 -11.86
N ILE B 245 4.49 -15.70 -11.29
CA ILE B 245 5.47 -14.76 -11.84
C ILE B 245 6.73 -15.54 -12.22
N GLY B 246 7.15 -15.40 -13.48
CA GLY B 246 8.26 -16.18 -13.99
C GLY B 246 9.62 -15.65 -13.56
N ASP B 247 10.64 -16.50 -13.75
CA ASP B 247 11.99 -16.22 -13.27
C ASP B 247 12.49 -14.87 -13.77
N ASN B 248 13.20 -14.16 -12.88
CA ASN B 248 13.99 -12.96 -13.18
C ASN B 248 13.13 -11.76 -13.55
N THR B 249 11.82 -11.85 -13.39
CA THR B 249 10.96 -10.70 -13.67
C THR B 249 11.10 -9.66 -12.56
N ALA B 250 11.04 -8.39 -12.94
CA ALA B 250 11.15 -7.27 -12.02
C ALA B 250 9.80 -6.54 -11.98
N VAL B 251 9.34 -6.21 -10.76
CA VAL B 251 8.08 -5.52 -10.55
C VAL B 251 8.37 -4.29 -9.69
N ALA B 252 8.14 -3.10 -10.24
CA ALA B 252 8.48 -1.87 -9.55
C ALA B 252 7.35 -1.50 -8.59
N GLY B 253 7.51 -0.38 -7.89
CA GLY B 253 6.70 -0.11 -6.72
C GLY B 253 5.24 0.15 -7.04
N GLY B 254 4.36 -0.27 -6.13
CA GLY B 254 2.94 0.05 -6.22
C GLY B 254 2.18 -0.64 -7.34
N VAL B 255 2.72 -1.72 -7.89
CA VAL B 255 2.03 -2.49 -8.93
C VAL B 255 0.95 -3.34 -8.29
N ILE B 256 -0.21 -3.40 -8.93
CA ILE B 256 -1.31 -4.26 -8.48
C ILE B 256 -1.56 -5.33 -9.54
N MET B 257 -1.58 -6.59 -9.14
CA MET B 257 -1.84 -7.73 -10.04
C MET B 257 -3.06 -8.48 -9.54
N ALA B 258 -4.05 -8.65 -10.40
CA ALA B 258 -5.28 -9.32 -10.00
C ALA B 258 -5.15 -10.83 -10.09
N GLY B 259 -6.17 -11.51 -9.58
CA GLY B 259 -6.07 -12.95 -9.36
C GLY B 259 -5.87 -13.72 -10.65
N SER B 260 -5.01 -14.73 -10.58
CA SER B 260 -4.79 -15.70 -11.65
C SER B 260 -4.10 -15.11 -12.87
N LEU B 261 -3.45 -13.95 -12.72
CA LEU B 261 -2.52 -13.47 -13.74
C LEU B 261 -1.30 -14.38 -13.81
N LYS B 262 -0.81 -14.63 -15.02
CA LYS B 262 0.47 -15.30 -15.20
C LYS B 262 1.39 -14.39 -15.98
N ILE B 263 2.57 -14.12 -15.42
CA ILE B 263 3.60 -13.29 -16.04
C ILE B 263 4.81 -14.16 -16.29
N GLY B 264 5.40 -14.01 -17.48
CA GLY B 264 6.52 -14.84 -17.87
C GLY B 264 7.84 -14.39 -17.26
N ARG B 265 8.92 -14.86 -17.87
CA ARG B 265 10.27 -14.61 -17.42
C ARG B 265 10.80 -13.30 -18.01
N TYR B 266 11.72 -12.67 -17.27
CA TYR B 266 12.47 -11.53 -17.75
C TYR B 266 11.56 -10.36 -18.12
N CYS B 267 10.40 -10.28 -17.47
CA CYS B 267 9.52 -9.14 -17.68
C CYS B 267 9.94 -7.98 -16.79
N MET B 268 9.47 -6.80 -17.15
CA MET B 268 9.76 -5.59 -16.38
C MET B 268 8.46 -4.82 -16.28
N ILE B 269 7.88 -4.77 -15.07
CA ILE B 269 6.59 -4.14 -14.86
C ILE B 269 6.83 -2.81 -14.15
N GLY B 270 6.51 -1.71 -14.84
CA GLY B 270 6.79 -0.39 -14.31
C GLY B 270 5.89 0.00 -13.16
N GLY B 271 6.36 0.95 -12.37
CA GLY B 271 5.68 1.31 -11.14
C GLY B 271 4.25 1.74 -11.36
N ALA B 272 3.40 1.40 -10.39
CA ALA B 272 2.00 1.81 -10.34
C ALA B 272 1.17 1.23 -11.48
N SER B 273 1.68 0.24 -12.20
CA SER B 273 0.88 -0.47 -13.20
C SER B 273 -0.24 -1.25 -12.54
N VAL B 274 -1.29 -1.51 -13.32
CA VAL B 274 -2.44 -2.28 -12.89
C VAL B 274 -2.64 -3.40 -13.92
N ILE B 275 -2.51 -4.66 -13.48
CA ILE B 275 -2.53 -5.81 -14.38
C ILE B 275 -3.72 -6.69 -13.98
N ASN B 276 -4.71 -6.75 -14.87
CA ASN B 276 -5.88 -7.57 -14.61
C ASN B 276 -5.56 -9.06 -14.69
N GLY B 277 -6.50 -9.89 -14.23
CA GLY B 277 -6.25 -11.28 -13.96
C GLY B 277 -6.77 -12.22 -15.04
N HIS B 278 -6.64 -13.52 -14.75
CA HIS B 278 -7.14 -14.57 -15.64
C HIS B 278 -6.64 -14.36 -17.07
N MET B 279 -5.38 -13.97 -17.20
CA MET B 279 -4.76 -13.77 -18.50
C MET B 279 -3.25 -13.96 -18.36
N GLU B 280 -2.56 -13.96 -19.49
CA GLU B 280 -1.13 -14.26 -19.51
C GLU B 280 -0.34 -13.15 -20.21
N ILE B 281 0.83 -12.85 -19.65
CA ILE B 281 1.83 -11.98 -20.25
C ILE B 281 3.05 -12.85 -20.57
N CYS B 282 3.48 -12.84 -21.82
CA CYS B 282 4.56 -13.73 -22.26
C CYS B 282 5.90 -13.22 -21.71
N ASP B 283 6.96 -13.99 -22.01
CA ASP B 283 8.33 -13.60 -21.62
C ASP B 283 8.73 -12.28 -22.26
N LYS B 284 9.62 -11.57 -21.57
CA LYS B 284 10.35 -10.42 -22.13
C LYS B 284 9.41 -9.28 -22.53
N VAL B 285 8.41 -9.01 -21.67
CA VAL B 285 7.49 -7.90 -21.85
C VAL B 285 7.84 -6.82 -20.86
N THR B 286 7.91 -5.58 -21.34
CA THR B 286 8.05 -4.42 -20.48
C THR B 286 6.75 -3.64 -20.51
N VAL B 287 6.20 -3.36 -19.34
CA VAL B 287 5.04 -2.48 -19.19
C VAL B 287 5.54 -1.21 -18.53
N THR B 288 5.37 -0.07 -19.20
CA THR B 288 5.85 1.17 -18.60
C THR B 288 4.92 1.62 -17.46
N GLY B 289 5.43 2.53 -16.63
CA GLY B 289 4.74 2.93 -15.42
C GLY B 289 3.27 3.31 -15.60
N MET B 290 2.43 2.90 -14.66
CA MET B 290 1.00 3.17 -14.64
C MET B 290 0.25 2.48 -15.76
N GLY B 291 0.83 1.46 -16.39
CA GLY B 291 0.16 0.78 -17.48
C GLY B 291 -1.13 0.11 -17.02
N MET B 292 -2.19 0.28 -17.82
CA MET B 292 -3.49 -0.34 -17.57
C MET B 292 -3.61 -1.57 -18.47
N VAL B 293 -3.29 -2.74 -17.93
CA VAL B 293 -3.23 -3.96 -18.73
C VAL B 293 -4.57 -4.69 -18.59
N MET B 294 -5.37 -4.66 -19.67
CA MET B 294 -6.68 -5.30 -19.73
C MET B 294 -6.73 -6.56 -20.57
N ARG B 295 -5.73 -6.81 -21.41
CA ARG B 295 -5.76 -7.95 -22.33
C ARG B 295 -4.43 -8.68 -22.25
N PRO B 296 -4.43 -9.97 -22.60
CA PRO B 296 -3.17 -10.73 -22.61
C PRO B 296 -2.15 -10.09 -23.54
N ILE B 297 -0.88 -10.38 -23.27
CA ILE B 297 0.23 -9.90 -24.07
C ILE B 297 0.98 -11.12 -24.58
N THR B 298 0.98 -11.31 -25.91
CA THR B 298 1.46 -12.54 -26.53
C THR B 298 2.78 -12.36 -27.27
N GLU B 299 3.29 -11.13 -27.38
CA GLU B 299 4.53 -10.87 -28.06
C GLU B 299 5.45 -10.08 -27.14
N PRO B 300 6.75 -10.37 -27.13
CA PRO B 300 7.67 -9.57 -26.33
C PRO B 300 7.73 -8.14 -26.84
N GLY B 301 8.14 -7.24 -25.96
CA GLY B 301 8.33 -5.85 -26.33
C GLY B 301 7.79 -4.92 -25.28
N VAL B 302 7.68 -3.64 -25.65
CA VAL B 302 7.38 -2.56 -24.71
C VAL B 302 5.95 -2.08 -24.95
N TYR B 303 5.17 -1.97 -23.88
CA TYR B 303 3.76 -1.59 -23.94
C TYR B 303 3.50 -0.50 -22.92
N SER B 304 2.54 0.38 -23.24
CA SER B 304 2.36 1.62 -22.49
C SER B 304 0.90 2.05 -22.54
N SER B 305 0.49 2.83 -21.54
CA SER B 305 -0.82 3.49 -21.55
C SER B 305 -0.73 4.77 -20.75
N GLY B 306 -1.77 5.57 -20.86
CA GLY B 306 -1.94 6.75 -20.00
C GLY B 306 -1.76 8.06 -20.74
N ILE B 307 -2.58 9.04 -20.40
CA ILE B 307 -2.47 10.39 -20.97
C ILE B 307 -1.80 11.28 -19.93
N PRO B 308 -0.60 11.81 -20.21
CA PRO B 308 0.17 12.55 -19.21
C PRO B 308 -0.42 13.89 -18.75
N LEU B 309 0.26 14.46 -17.76
CA LEU B 309 -0.10 15.72 -17.11
C LEU B 309 -0.13 16.90 -18.09
N GLN B 310 -1.08 17.81 -17.84
CA GLN B 310 -1.13 19.12 -18.48
C GLN B 310 -1.53 20.14 -17.43
N PRO B 311 -1.32 21.43 -17.69
CA PRO B 311 -1.87 22.45 -16.80
C PRO B 311 -3.38 22.26 -16.68
N ASN B 312 -3.93 22.54 -15.48
CA ASN B 312 -5.31 22.16 -15.21
C ASN B 312 -6.29 22.73 -16.23
N LYS B 313 -6.10 24.00 -16.62
CA LYS B 313 -7.03 24.61 -17.58
C LYS B 313 -6.98 23.90 -18.93
N VAL B 314 -5.78 23.44 -19.31
CA VAL B 314 -5.63 22.68 -20.56
C VAL B 314 -6.22 21.29 -20.40
N TRP B 315 -5.95 20.63 -19.27
CA TRP B 315 -6.50 19.30 -19.05
C TRP B 315 -8.02 19.31 -19.07
N ARG B 316 -8.65 20.37 -18.51
CA ARG B 316 -10.11 20.41 -18.52
C ARG B 316 -10.66 20.33 -19.94
N LYS B 317 -10.03 21.03 -20.88
CA LYS B 317 -10.49 20.98 -22.26
C LYS B 317 -10.17 19.63 -22.90
N THR B 318 -8.96 19.10 -22.66
CA THR B 318 -8.60 17.78 -23.17
C THR B 318 -9.61 16.72 -22.70
N ALA B 319 -9.92 16.71 -21.41
CA ALA B 319 -10.82 15.70 -20.89
C ALA B 319 -12.22 15.86 -21.47
N ALA B 320 -12.70 17.10 -21.59
CA ALA B 320 -14.03 17.31 -22.16
C ALA B 320 -14.10 16.83 -23.61
N LEU B 321 -13.08 17.15 -24.41
CA LEU B 321 -13.08 16.74 -25.81
C LEU B 321 -12.98 15.24 -25.94
N VAL B 322 -12.12 14.60 -25.15
CA VAL B 322 -12.02 13.14 -25.21
C VAL B 322 -13.34 12.51 -24.81
N MET B 323 -13.93 12.94 -23.70
CA MET B 323 -15.18 12.33 -23.29
C MET B 323 -16.26 12.48 -24.36
N ASN B 324 -16.13 13.47 -25.23
CA ASN B 324 -17.09 13.69 -26.31
C ASN B 324 -16.54 13.27 -27.66
N ILE B 325 -15.57 12.34 -27.68
CA ILE B 325 -14.90 12.03 -28.94
C ILE B 325 -15.82 11.30 -29.93
N ASP B 326 -16.89 10.64 -29.45
CA ASP B 326 -17.82 9.99 -30.36
C ASP B 326 -18.47 11.02 -31.28
N ASP B 327 -18.77 12.21 -30.76
CA ASP B 327 -19.31 13.27 -31.59
C ASP B 327 -18.28 13.76 -32.60
N MET B 328 -17.02 13.84 -32.18
CA MET B 328 -15.96 14.20 -33.13
C MET B 328 -15.87 13.18 -34.26
N SER B 329 -15.91 11.89 -33.90
CA SER B 329 -15.87 10.83 -34.91
C SER B 329 -17.05 10.92 -35.87
N LYS B 330 -18.24 11.22 -35.36
CA LYS B 330 -19.40 11.34 -36.25
C LYS B 330 -19.27 12.53 -37.19
N ARG B 331 -18.76 13.66 -36.69
CA ARG B 331 -18.59 14.83 -37.54
C ARG B 331 -17.54 14.59 -38.62
N LEU B 332 -16.48 13.87 -38.28
CA LEU B 332 -15.45 13.54 -39.26
C LEU B 332 -16.03 12.66 -40.37
N LYS B 333 -16.81 11.64 -39.99
CA LYS B 333 -17.42 10.78 -40.99
C LYS B 333 -18.36 11.56 -41.90
N SER B 334 -19.17 12.46 -41.32
CA SER B 334 -20.08 13.25 -42.14
CA SER B 334 -20.08 13.27 -42.14
C SER B 334 -19.33 14.14 -43.12
N LEU B 335 -18.23 14.74 -42.68
CA LEU B 335 -17.43 15.60 -43.54
C LEU B 335 -16.80 14.78 -44.67
N GLU B 336 -16.32 13.58 -44.36
CA GLU B 336 -15.77 12.71 -45.39
C GLU B 336 -16.81 12.42 -46.48
N ARG B 337 -18.06 12.14 -46.07
CA ARG B 337 -19.09 11.87 -47.07
C ARG B 337 -19.31 13.07 -47.98
N LYS B 338 -19.31 14.27 -47.41
CA LYS B 338 -19.47 15.48 -48.22
C LYS B 338 -18.31 15.65 -49.21
N VAL B 339 -17.08 15.45 -48.75
CA VAL B 339 -15.91 15.58 -49.61
C VAL B 339 -15.90 14.49 -50.68
N ASN B 340 -16.43 13.31 -50.37
CA ASN B 340 -16.60 12.25 -51.36
C ASN B 340 -17.81 12.47 -52.28
N GLN B 341 -18.48 13.62 -52.18
CA GLN B 341 -19.59 13.96 -53.07
C GLN B 341 -20.77 13.02 -52.90
N GLN B 342 -20.96 12.48 -51.70
CA GLN B 342 -22.05 11.55 -51.42
C GLN B 342 -23.09 12.11 -50.45
N GLY C 4 -10.75 -32.01 9.30
CA GLY C 4 -11.25 -33.23 9.93
C GLY C 4 -12.00 -34.10 8.92
N SER C 5 -11.75 -35.40 8.96
CA SER C 5 -12.37 -36.31 8.00
C SER C 5 -13.85 -36.45 8.26
N ILE C 6 -14.61 -36.73 7.19
CA ILE C 6 -16.06 -36.85 7.28
C ILE C 6 -16.52 -37.86 6.25
N ARG C 7 -17.56 -38.62 6.61
CA ARG C 7 -18.14 -39.57 5.67
C ARG C 7 -18.92 -38.82 4.59
N LEU C 8 -18.81 -39.32 3.35
CA LEU C 8 -19.47 -38.66 2.23
C LEU C 8 -20.97 -38.50 2.47
N ALA C 9 -21.60 -39.49 3.10
CA ALA C 9 -23.03 -39.39 3.38
C ALA C 9 -23.31 -38.22 4.33
N ASP C 10 -22.48 -38.06 5.35
CA ASP C 10 -22.68 -36.97 6.32
C ASP C 10 -22.38 -35.62 5.69
N LEU C 11 -21.34 -35.55 4.87
CA LEU C 11 -21.05 -34.31 4.16
C LEU C 11 -22.21 -33.91 3.25
N ALA C 12 -22.77 -34.89 2.53
CA ALA C 12 -23.88 -34.61 1.64
C ALA C 12 -25.08 -34.06 2.39
N GLN C 13 -25.36 -34.61 3.58
CA GLN C 13 -26.50 -34.13 4.35
C GLN C 13 -26.28 -32.69 4.80
N GLN C 14 -25.09 -32.38 5.32
CA GLN C 14 -24.80 -31.02 5.74
C GLN C 14 -24.84 -30.05 4.57
N LEU C 15 -24.56 -30.52 3.35
CA LEU C 15 -24.58 -29.66 2.19
C LEU C 15 -25.93 -29.63 1.49
N ASP C 16 -26.93 -30.37 2.00
CA ASP C 16 -28.22 -30.52 1.34
C ASP C 16 -28.07 -30.99 -0.11
N ALA C 17 -27.17 -31.94 -0.32
CA ALA C 17 -26.86 -32.48 -1.64
C ALA C 17 -27.42 -33.90 -1.79
N GLU C 18 -27.68 -34.29 -3.04
CA GLU C 18 -28.13 -35.65 -3.35
C GLU C 18 -26.91 -36.54 -3.57
N LEU C 19 -26.76 -37.56 -2.74
CA LEU C 19 -25.63 -38.48 -2.84
C LEU C 19 -25.88 -39.54 -3.90
N HIS C 20 -24.95 -39.69 -4.83
CA HIS C 20 -24.95 -40.76 -5.83
C HIS C 20 -23.61 -41.48 -5.73
N GLY C 21 -23.61 -42.63 -5.07
CA GLY C 21 -22.39 -43.37 -4.80
C GLY C 21 -22.31 -43.78 -3.34
N ASP C 22 -21.12 -44.20 -2.93
CA ASP C 22 -20.91 -44.84 -1.62
C ASP C 22 -20.86 -43.81 -0.51
N GLY C 23 -21.91 -43.78 0.32
CA GLY C 23 -21.97 -42.89 1.47
C GLY C 23 -20.88 -43.10 2.50
N ASP C 24 -20.18 -44.23 2.47
CA ASP C 24 -19.13 -44.52 3.46
C ASP C 24 -17.77 -44.00 3.05
N ILE C 25 -17.64 -43.42 1.85
CA ILE C 25 -16.36 -42.84 1.46
C ILE C 25 -15.96 -41.78 2.47
N VAL C 26 -14.70 -41.80 2.88
CA VAL C 26 -14.18 -40.84 3.85
C VAL C 26 -13.51 -39.70 3.10
N ILE C 27 -13.98 -38.48 3.33
CA ILE C 27 -13.45 -37.28 2.70
C ILE C 27 -12.54 -36.57 3.70
N THR C 28 -11.30 -36.29 3.27
CA THR C 28 -10.32 -35.63 4.11
C THR C 28 -10.11 -34.15 3.78
N GLY C 29 -10.54 -33.68 2.62
CA GLY C 29 -10.29 -32.30 2.25
C GLY C 29 -10.83 -31.99 0.88
N VAL C 30 -10.70 -30.71 0.51
CA VAL C 30 -11.16 -30.20 -0.77
C VAL C 30 -9.93 -29.95 -1.65
N ALA C 31 -10.09 -30.18 -2.96
CA ALA C 31 -8.99 -29.95 -3.89
C ALA C 31 -9.55 -29.51 -5.23
N SER C 32 -8.70 -28.85 -6.03
CA SER C 32 -9.07 -28.54 -7.39
C SER C 32 -9.27 -29.84 -8.18
N MET C 33 -9.96 -29.73 -9.31
CA MET C 33 -10.20 -30.94 -10.10
C MET C 33 -8.89 -31.54 -10.56
N GLN C 34 -7.93 -30.70 -10.95
CA GLN C 34 -6.66 -31.21 -11.46
C GLN C 34 -5.75 -31.72 -10.35
N SER C 35 -5.86 -31.21 -9.13
CA SER C 35 -5.02 -31.67 -8.05
C SER C 35 -5.67 -32.73 -7.18
N ALA C 36 -6.96 -33.00 -7.33
CA ALA C 36 -7.65 -33.90 -6.41
C ALA C 36 -7.07 -35.30 -6.49
N GLN C 37 -6.91 -35.90 -5.32
CA GLN C 37 -6.48 -37.28 -5.17
C GLN C 37 -7.49 -38.01 -4.28
N THR C 38 -7.31 -39.32 -4.16
CA THR C 38 -8.17 -40.12 -3.30
C THR C 38 -8.28 -39.48 -1.92
N GLY C 39 -9.49 -39.46 -1.39
CA GLY C 39 -9.80 -38.74 -0.17
C GLY C 39 -10.30 -37.32 -0.37
N HIS C 40 -10.05 -36.72 -1.53
CA HIS C 40 -10.47 -35.35 -1.79
C HIS C 40 -11.87 -35.31 -2.39
N ILE C 41 -12.60 -34.23 -2.08
CA ILE C 41 -13.81 -33.88 -2.80
C ILE C 41 -13.52 -32.64 -3.62
N THR C 42 -14.09 -32.58 -4.83
CA THR C 42 -13.92 -31.41 -5.68
C THR C 42 -15.26 -31.04 -6.30
N PHE C 43 -15.27 -30.11 -7.25
CA PHE C 43 -16.51 -29.62 -7.81
C PHE C 43 -16.29 -29.32 -9.28
N MET C 44 -17.39 -29.37 -10.04
CA MET C 44 -17.35 -29.01 -11.45
C MET C 44 -18.40 -27.92 -11.68
N VAL C 45 -17.98 -26.79 -12.22
CA VAL C 45 -18.90 -25.74 -12.60
C VAL C 45 -19.01 -25.60 -14.11
N ASN C 46 -18.05 -26.11 -14.87
CA ASN C 46 -17.99 -25.90 -16.30
C ASN C 46 -18.27 -27.20 -17.02
N PRO C 47 -19.45 -27.36 -17.65
CA PRO C 47 -19.78 -28.66 -18.27
C PRO C 47 -18.81 -29.08 -19.35
N LYS C 48 -17.89 -28.21 -19.77
CA LYS C 48 -16.88 -28.62 -20.73
C LYS C 48 -15.97 -29.71 -20.16
N TYR C 49 -15.92 -29.85 -18.84
CA TYR C 49 -15.06 -30.86 -18.21
C TYR C 49 -15.75 -32.22 -18.03
N ARG C 50 -17.02 -32.35 -18.48
CA ARG C 50 -17.70 -33.64 -18.38
C ARG C 50 -16.86 -34.76 -18.98
N GLU C 51 -16.32 -34.53 -20.19
CA GLU C 51 -15.51 -35.54 -20.86
C GLU C 51 -14.17 -35.77 -20.14
N HIS C 52 -13.81 -34.90 -19.20
CA HIS C 52 -12.54 -34.95 -18.49
C HIS C 52 -12.67 -35.60 -17.11
N LEU C 53 -13.89 -35.87 -16.64
CA LEU C 53 -14.06 -36.35 -15.27
C LEU C 53 -13.31 -37.66 -15.03
N GLY C 54 -13.11 -38.47 -16.08
CA GLY C 54 -12.38 -39.72 -15.93
C GLY C 54 -10.93 -39.53 -15.59
N LEU C 55 -10.40 -38.32 -15.75
CA LEU C 55 -9.01 -38.00 -15.43
C LEU C 55 -8.86 -37.44 -14.02
N CYS C 56 -9.98 -37.16 -13.36
CA CYS C 56 -9.98 -36.59 -12.02
C CYS C 56 -9.97 -37.71 -11.00
N GLN C 57 -9.00 -37.67 -10.08
CA GLN C 57 -8.78 -38.73 -9.10
C GLN C 57 -9.46 -38.45 -7.77
N ALA C 58 -10.35 -37.46 -7.71
CA ALA C 58 -11.10 -37.20 -6.48
C ALA C 58 -11.97 -38.38 -6.09
N SER C 59 -12.22 -38.53 -4.78
CA SER C 59 -13.18 -39.52 -4.32
C SER C 59 -14.64 -39.12 -4.55
N ALA C 60 -14.93 -37.83 -4.68
CA ALA C 60 -16.27 -37.38 -4.98
C ALA C 60 -16.21 -36.04 -5.69
N VAL C 61 -17.24 -35.75 -6.48
CA VAL C 61 -17.33 -34.54 -7.27
C VAL C 61 -18.72 -33.94 -7.10
N VAL C 62 -18.76 -32.65 -6.73
CA VAL C 62 -19.99 -31.87 -6.67
C VAL C 62 -20.36 -31.40 -8.08
N MET C 63 -21.63 -31.56 -8.46
CA MET C 63 -22.05 -31.28 -9.84
C MET C 63 -23.57 -31.10 -9.87
N THR C 64 -24.10 -30.76 -11.05
CA THR C 64 -25.53 -30.57 -11.21
C THR C 64 -26.20 -31.85 -11.69
N GLN C 65 -27.53 -31.84 -11.67
CA GLN C 65 -28.28 -32.98 -12.20
C GLN C 65 -27.95 -33.23 -13.67
N ASP C 66 -27.73 -32.15 -14.45
CA ASP C 66 -27.41 -32.32 -15.86
C ASP C 66 -26.06 -32.99 -16.07
N ASP C 67 -25.14 -32.84 -15.12
CA ASP C 67 -23.81 -33.44 -15.19
C ASP C 67 -23.82 -34.92 -14.82
N LEU C 68 -24.78 -35.36 -14.00
CA LEU C 68 -24.73 -36.69 -13.42
C LEU C 68 -24.40 -37.80 -14.41
N PRO C 69 -25.01 -37.86 -15.61
CA PRO C 69 -24.70 -38.99 -16.52
C PRO C 69 -23.24 -39.07 -16.92
N PHE C 70 -22.47 -38.00 -16.71
CA PHE C 70 -21.07 -37.95 -17.12
C PHE C 70 -20.13 -38.28 -15.98
N ALA C 71 -20.67 -38.55 -14.79
CA ALA C 71 -19.83 -38.75 -13.63
C ALA C 71 -19.04 -40.04 -13.75
N LYS C 72 -17.80 -40.01 -13.29
CA LYS C 72 -16.96 -41.21 -13.16
C LYS C 72 -16.46 -41.34 -11.73
N SER C 73 -17.34 -41.08 -10.78
CA SER C 73 -17.02 -41.10 -9.35
C SER C 73 -18.34 -40.97 -8.60
N ALA C 74 -18.29 -41.18 -7.30
CA ALA C 74 -19.38 -40.74 -6.45
C ALA C 74 -19.62 -39.26 -6.70
N ALA C 75 -20.89 -38.86 -6.75
CA ALA C 75 -21.29 -37.52 -7.10
C ALA C 75 -22.26 -36.96 -6.07
N LEU C 76 -22.08 -35.70 -5.72
CA LEU C 76 -23.06 -34.95 -4.93
C LEU C 76 -23.75 -33.98 -5.87
N VAL C 77 -25.04 -34.17 -6.08
CA VAL C 77 -25.83 -33.36 -7.02
C VAL C 77 -26.46 -32.20 -6.24
N VAL C 78 -26.28 -30.99 -6.75
CA VAL C 78 -26.75 -29.77 -6.11
C VAL C 78 -27.20 -28.80 -7.19
N LYS C 79 -27.95 -27.78 -6.78
CA LYS C 79 -28.34 -26.74 -7.73
C LYS C 79 -27.20 -25.80 -8.06
N ASN C 80 -26.30 -25.56 -7.10
CA ASN C 80 -25.27 -24.52 -7.23
C ASN C 80 -23.94 -25.10 -6.75
N PRO C 81 -23.16 -25.70 -7.66
CA PRO C 81 -21.91 -26.34 -7.23
C PRO C 81 -20.89 -25.36 -6.63
N TYR C 82 -20.84 -24.13 -7.12
CA TYR C 82 -19.89 -23.15 -6.61
C TYR C 82 -20.21 -22.81 -5.15
N LEU C 83 -21.48 -22.51 -4.85
CA LEU C 83 -21.85 -22.20 -3.47
C LEU C 83 -21.63 -23.40 -2.58
N THR C 84 -22.00 -24.58 -3.07
CA THR C 84 -21.73 -25.80 -2.32
C THR C 84 -20.23 -25.96 -2.06
N TYR C 85 -19.40 -25.62 -3.05
CA TYR C 85 -17.95 -25.67 -2.85
C TYR C 85 -17.53 -24.75 -1.71
N ALA C 86 -18.01 -23.50 -1.72
CA ALA C 86 -17.69 -22.60 -0.63
C ALA C 86 -18.06 -23.22 0.72
N ARG C 87 -19.25 -23.85 0.78
CA ARG C 87 -19.73 -24.41 2.04
C ARG C 87 -18.90 -25.62 2.46
N MET C 88 -18.58 -26.54 1.54
CA MET C 88 -17.81 -27.71 1.93
C MET C 88 -16.38 -27.34 2.27
N ALA C 89 -15.84 -26.28 1.67
CA ALA C 89 -14.49 -25.86 2.04
C ALA C 89 -14.46 -25.28 3.44
N GLN C 90 -15.55 -24.63 3.88
CA GLN C 90 -15.63 -24.21 5.27
C GLN C 90 -15.69 -25.40 6.22
N ILE C 91 -16.49 -26.41 5.87
CA ILE C 91 -16.58 -27.60 6.71
C ILE C 91 -15.24 -28.29 6.81
N LEU C 92 -14.48 -28.31 5.71
CA LEU C 92 -13.21 -29.02 5.63
C LEU C 92 -12.00 -28.08 5.70
N ASP C 93 -12.19 -26.87 6.22
CA ASP C 93 -11.16 -25.85 6.18
C ASP C 93 -9.92 -26.28 6.97
N THR C 94 -8.74 -26.18 6.34
CA THR C 94 -7.48 -26.46 6.99
C THR C 94 -6.80 -25.21 7.56
N THR C 95 -7.39 -24.04 7.40
CA THR C 95 -6.79 -22.81 7.90
C THR C 95 -6.66 -22.87 9.42
N PRO C 96 -5.49 -22.62 9.98
CA PRO C 96 -5.36 -22.61 11.44
C PRO C 96 -5.99 -21.35 12.03
N GLN C 97 -6.13 -21.37 13.36
CA GLN C 97 -6.56 -20.18 14.05
C GLN C 97 -5.36 -19.27 14.29
N PRO C 98 -5.56 -17.95 14.34
CA PRO C 98 -4.41 -17.06 14.60
C PRO C 98 -3.77 -17.30 15.94
N ALA C 99 -4.47 -17.92 16.89
CA ALA C 99 -3.89 -18.18 18.20
C ALA C 99 -4.80 -19.13 18.94
N GLN C 100 -4.25 -19.74 20.00
CA GLN C 100 -5.00 -20.64 20.86
C GLN C 100 -4.64 -20.34 22.30
N ASN C 101 -5.66 -20.12 23.14
CA ASN C 101 -5.47 -19.73 24.54
C ASN C 101 -4.78 -18.37 24.60
N ILE C 102 -4.33 -17.96 25.78
CA ILE C 102 -3.71 -16.65 25.97
C ILE C 102 -2.22 -16.84 26.22
N ALA C 103 -1.39 -16.29 25.33
CA ALA C 103 0.04 -16.52 25.37
C ALA C 103 0.68 -15.82 26.59
N PRO C 104 1.62 -16.48 27.28
CA PRO C 104 2.31 -15.81 28.38
C PRO C 104 3.05 -14.57 27.98
N SER C 105 3.42 -14.44 26.70
CA SER C 105 4.14 -13.27 26.22
C SER C 105 3.21 -12.15 25.81
N ALA C 106 1.91 -12.40 25.76
CA ALA C 106 0.96 -11.33 25.48
C ALA C 106 0.91 -10.37 26.67
N VAL C 107 0.71 -9.10 26.38
CA VAL C 107 0.70 -8.06 27.41
C VAL C 107 -0.71 -7.48 27.45
N ILE C 108 -1.44 -7.74 28.54
CA ILE C 108 -2.87 -7.45 28.60
C ILE C 108 -3.14 -6.56 29.81
N ASP C 109 -3.63 -5.35 29.56
CA ASP C 109 -3.95 -4.46 30.66
C ASP C 109 -4.94 -5.12 31.62
N ALA C 110 -4.77 -4.86 32.91
CA ALA C 110 -5.64 -5.48 33.90
C ALA C 110 -7.09 -5.04 33.74
N THR C 111 -7.34 -3.90 33.09
CA THR C 111 -8.72 -3.45 32.92
C THR C 111 -9.39 -3.97 31.65
N ALA C 112 -8.67 -4.68 30.80
CA ALA C 112 -9.33 -5.26 29.63
C ALA C 112 -10.34 -6.30 30.09
N LYS C 113 -11.44 -6.41 29.33
CA LYS C 113 -12.51 -7.35 29.65
C LYS C 113 -12.53 -8.42 28.58
N LEU C 114 -12.17 -9.64 28.95
CA LEU C 114 -12.12 -10.78 28.05
C LEU C 114 -13.38 -11.63 28.21
N GLY C 115 -14.04 -11.93 27.10
CA GLY C 115 -15.16 -12.84 27.09
C GLY C 115 -14.69 -14.27 27.25
N ASN C 116 -15.59 -15.20 26.95
CA ASN C 116 -15.29 -16.63 27.08
C ASN C 116 -14.59 -17.15 25.83
N ASN C 117 -13.61 -18.02 26.04
CA ASN C 117 -12.95 -18.71 24.94
C ASN C 117 -12.22 -17.72 24.02
N VAL C 118 -11.63 -16.73 24.61
CA VAL C 118 -10.82 -15.76 23.87
C VAL C 118 -9.39 -16.27 23.78
N SER C 119 -8.77 -16.14 22.61
CA SER C 119 -7.38 -16.50 22.41
C SER C 119 -6.60 -15.27 21.96
N ILE C 120 -5.40 -15.11 22.50
CA ILE C 120 -4.54 -13.98 22.20
C ILE C 120 -3.13 -14.51 21.97
N GLY C 121 -2.55 -14.22 20.80
CA GLY C 121 -1.30 -14.82 20.41
C GLY C 121 -0.08 -14.16 21.05
N ALA C 122 1.08 -14.77 20.78
CA ALA C 122 2.31 -14.33 21.41
C ALA C 122 2.60 -12.87 21.07
N ASN C 123 2.99 -12.12 22.11
CA ASN C 123 3.47 -10.75 22.00
C ASN C 123 2.41 -9.75 21.53
N ALA C 124 1.15 -10.15 21.49
CA ALA C 124 0.10 -9.17 21.27
C ALA C 124 0.01 -8.24 22.47
N VAL C 125 -0.53 -7.04 22.24
CA VAL C 125 -0.59 -5.99 23.23
C VAL C 125 -2.02 -5.47 23.26
N ILE C 126 -2.67 -5.56 24.43
CA ILE C 126 -4.05 -5.16 24.63
C ILE C 126 -4.07 -4.03 25.65
N GLU C 127 -4.59 -2.87 25.26
CA GLU C 127 -4.56 -1.67 26.09
C GLU C 127 -5.67 -1.69 27.15
N SER C 128 -5.64 -0.68 28.01
CA SER C 128 -6.66 -0.52 29.03
C SER C 128 -8.04 -0.35 28.39
N GLY C 129 -9.06 -0.88 29.06
CA GLY C 129 -10.44 -0.69 28.66
C GLY C 129 -10.91 -1.53 27.48
N VAL C 130 -10.03 -2.30 26.85
CA VAL C 130 -10.43 -3.08 25.69
C VAL C 130 -11.44 -4.15 26.10
N GLU C 131 -12.45 -4.37 25.26
CA GLU C 131 -13.42 -5.44 25.46
C GLU C 131 -13.36 -6.39 24.28
N LEU C 132 -13.10 -7.66 24.56
CA LEU C 132 -13.03 -8.70 23.54
C LEU C 132 -14.17 -9.69 23.79
N GLY C 133 -15.07 -9.81 22.81
CA GLY C 133 -16.24 -10.65 22.99
C GLY C 133 -15.90 -12.14 22.98
N ASP C 134 -16.93 -12.96 23.25
CA ASP C 134 -16.75 -14.41 23.25
C ASP C 134 -16.12 -14.88 21.94
N ASN C 135 -15.17 -15.81 22.06
CA ASN C 135 -14.56 -16.51 20.93
C ASN C 135 -13.69 -15.61 20.05
N VAL C 136 -13.38 -14.39 20.50
CA VAL C 136 -12.49 -13.55 19.71
C VAL C 136 -11.09 -14.14 19.71
N ILE C 137 -10.42 -14.06 18.56
CA ILE C 137 -9.02 -14.47 18.45
C ILE C 137 -8.19 -13.29 17.96
N ILE C 138 -7.13 -12.98 18.71
CA ILE C 138 -6.17 -11.94 18.37
C ILE C 138 -4.86 -12.61 18.03
N GLY C 139 -4.36 -12.40 16.81
CA GLY C 139 -3.12 -13.01 16.40
C GLY C 139 -1.90 -12.43 17.09
N ALA C 140 -0.77 -13.12 16.91
CA ALA C 140 0.50 -12.71 17.49
C ALA C 140 0.88 -11.31 17.03
N GLY C 141 1.46 -10.54 17.95
CA GLY C 141 2.02 -9.24 17.61
C GLY C 141 1.01 -8.15 17.33
N CYS C 142 -0.28 -8.41 17.51
CA CYS C 142 -1.28 -7.37 17.31
C CYS C 142 -1.18 -6.29 18.38
N PHE C 143 -1.74 -5.12 18.06
CA PHE C 143 -1.97 -4.06 19.03
C PHE C 143 -3.44 -3.70 18.98
N VAL C 144 -4.09 -3.65 20.15
CA VAL C 144 -5.47 -3.16 20.25
C VAL C 144 -5.49 -2.00 21.24
N GLY C 145 -5.89 -0.81 20.78
CA GLY C 145 -5.73 0.41 21.56
C GLY C 145 -6.83 0.63 22.60
N LYS C 146 -6.65 1.69 23.38
CA LYS C 146 -7.47 1.91 24.57
C LYS C 146 -8.95 1.97 24.23
N ASN C 147 -9.74 1.24 25.02
CA ASN C 147 -11.21 1.24 24.99
C ASN C 147 -11.81 0.69 23.71
N SER C 148 -11.00 0.08 22.84
CA SER C 148 -11.59 -0.50 21.64
C SER C 148 -12.37 -1.77 22.00
N LYS C 149 -13.32 -2.11 21.16
CA LYS C 149 -14.26 -3.20 21.43
C LYS C 149 -14.32 -4.07 20.19
N ILE C 150 -14.17 -5.38 20.39
CA ILE C 150 -14.16 -6.33 19.28
C ILE C 150 -15.22 -7.39 19.57
N GLY C 151 -16.20 -7.49 18.68
CA GLY C 151 -17.36 -8.32 18.93
C GLY C 151 -17.09 -9.80 18.79
N ALA C 152 -18.03 -10.58 19.32
CA ALA C 152 -17.86 -12.02 19.42
C ALA C 152 -17.53 -12.66 18.09
N GLY C 153 -16.62 -13.65 18.11
CA GLY C 153 -16.28 -14.42 16.94
C GLY C 153 -15.35 -13.74 15.95
N SER C 154 -15.03 -12.46 16.15
CA SER C 154 -14.11 -11.78 15.25
C SER C 154 -12.68 -12.25 15.48
N ARG C 155 -11.88 -12.21 14.43
CA ARG C 155 -10.51 -12.72 14.45
C ARG C 155 -9.60 -11.74 13.74
N LEU C 156 -8.47 -11.46 14.35
CA LEU C 156 -7.38 -10.70 13.75
C LEU C 156 -6.20 -11.62 13.52
N TRP C 157 -5.65 -11.60 12.30
CA TRP C 157 -4.41 -12.32 12.05
C TRP C 157 -3.24 -11.59 12.71
N ALA C 158 -2.03 -12.11 12.50
CA ALA C 158 -0.87 -11.55 13.19
C ALA C 158 -0.62 -10.12 12.75
N ASN C 159 -0.04 -9.32 13.64
CA ASN C 159 0.50 -8.00 13.25
C ASN C 159 -0.58 -7.10 12.66
N VAL C 160 -1.76 -7.11 13.25
CA VAL C 160 -2.83 -6.16 12.95
C VAL C 160 -2.80 -5.05 14.00
N THR C 161 -3.04 -3.81 13.57
CA THR C 161 -3.05 -2.66 14.49
C THR C 161 -4.45 -2.05 14.55
N ILE C 162 -5.04 -2.05 15.75
CA ILE C 162 -6.29 -1.36 16.02
C ILE C 162 -5.97 -0.23 16.98
N TYR C 163 -6.31 1.01 16.59
CA TYR C 163 -6.09 2.14 17.49
C TYR C 163 -7.12 2.18 18.61
N HIS C 164 -7.24 3.33 19.27
CA HIS C 164 -8.14 3.51 20.42
C HIS C 164 -9.57 3.81 19.96
N GLU C 165 -10.52 3.45 20.83
CA GLU C 165 -11.94 3.78 20.66
C GLU C 165 -12.53 3.23 19.37
N ILE C 166 -12.01 2.11 18.88
CA ILE C 166 -12.53 1.50 17.67
C ILE C 166 -13.61 0.50 18.06
N GLN C 167 -14.66 0.41 17.25
CA GLN C 167 -15.71 -0.58 17.43
C GLN C 167 -15.68 -1.54 16.24
N ILE C 168 -15.53 -2.84 16.52
CA ILE C 168 -15.56 -3.87 15.51
C ILE C 168 -16.65 -4.85 15.90
N GLY C 169 -17.48 -5.23 14.92
CA GLY C 169 -18.64 -6.06 15.17
C GLY C 169 -18.28 -7.54 15.35
N GLN C 170 -19.28 -8.38 15.07
CA GLN C 170 -19.19 -9.82 15.29
C GLN C 170 -18.75 -10.54 14.02
N ASN C 171 -17.96 -11.59 14.20
CA ASN C 171 -17.60 -12.50 13.10
C ASN C 171 -16.85 -11.80 11.96
N CYS C 172 -16.09 -10.77 12.29
CA CYS C 172 -15.24 -10.13 11.29
C CYS C 172 -13.93 -10.90 11.17
N LEU C 173 -13.19 -10.61 10.11
CA LEU C 173 -11.87 -11.20 9.89
C LEU C 173 -10.98 -10.13 9.27
N ILE C 174 -9.82 -9.90 9.89
CA ILE C 174 -8.92 -8.84 9.46
C ILE C 174 -7.55 -9.47 9.23
N GLN C 175 -7.02 -9.33 8.01
CA GLN C 175 -5.73 -9.91 7.67
C GLN C 175 -4.57 -9.03 8.12
N SER C 176 -3.38 -9.62 8.13
CA SER C 176 -2.19 -9.02 8.73
C SER C 176 -1.81 -7.71 8.05
N GLY C 177 -1.17 -6.83 8.84
CA GLY C 177 -0.68 -5.56 8.36
C GLY C 177 -1.73 -4.47 8.29
N THR C 178 -3.00 -4.80 8.46
CA THR C 178 -4.06 -3.82 8.41
C THR C 178 -3.96 -2.89 9.62
N VAL C 179 -4.29 -1.61 9.40
CA VAL C 179 -4.29 -0.61 10.46
C VAL C 179 -5.67 0.01 10.47
N VAL C 180 -6.36 -0.09 11.60
CA VAL C 180 -7.69 0.51 11.75
C VAL C 180 -7.63 1.60 12.80
N GLY C 181 -7.93 2.83 12.38
CA GLY C 181 -8.10 3.93 13.30
C GLY C 181 -6.96 4.92 13.40
N ALA C 182 -6.00 4.89 12.48
CA ALA C 182 -4.97 5.93 12.48
C ALA C 182 -5.62 7.30 12.23
N ASP C 183 -4.89 8.35 12.57
CA ASP C 183 -5.37 9.71 12.30
C ASP C 183 -5.75 9.87 10.84
N GLY C 184 -6.95 10.37 10.60
CA GLY C 184 -7.26 10.92 9.29
C GLY C 184 -6.29 12.04 8.91
N PHE C 185 -6.23 12.32 7.61
CA PHE C 185 -5.30 13.30 7.05
C PHE C 185 -5.88 14.71 7.20
N GLY C 186 -5.93 15.15 8.46
CA GLY C 186 -6.56 16.44 8.78
C GLY C 186 -5.57 17.48 9.26
N TYR C 187 -5.47 18.57 8.50
CA TYR C 187 -4.53 19.66 8.77
C TYR C 187 -5.15 20.95 8.27
N ALA C 188 -4.96 22.02 9.03
CA ALA C 188 -5.31 23.36 8.60
C ALA C 188 -4.04 24.06 8.13
N ASN C 189 -4.19 24.97 7.17
CA ASN C 189 -3.05 25.66 6.60
C ASN C 189 -2.96 27.08 7.18
N ASP C 190 -1.82 27.39 7.77
CA ASP C 190 -1.52 28.69 8.38
C ASP C 190 -0.31 29.26 7.66
N ARG C 191 -0.55 30.12 6.68
CA ARG C 191 0.54 30.81 5.98
C ARG C 191 1.54 29.82 5.38
N GLY C 192 1.01 28.71 4.87
CA GLY C 192 1.84 27.69 4.24
C GLY C 192 2.30 26.58 5.18
N ASN C 193 2.16 26.76 6.49
CA ASN C 193 2.47 25.72 7.46
C ASN C 193 1.22 24.89 7.75
N TRP C 194 1.42 23.59 7.96
CA TRP C 194 0.32 22.70 8.29
C TRP C 194 0.15 22.62 9.80
N VAL C 195 -1.08 22.80 10.27
CA VAL C 195 -1.43 22.72 11.69
C VAL C 195 -2.29 21.48 11.88
N LYS C 196 -1.83 20.55 12.71
CA LYS C 196 -2.56 19.30 12.86
C LYS C 196 -3.95 19.52 13.45
N ILE C 197 -4.92 18.83 12.88
CA ILE C 197 -6.26 18.73 13.45
C ILE C 197 -6.35 17.35 14.14
N PRO C 198 -6.38 17.29 15.46
CA PRO C 198 -6.57 15.98 16.11
C PRO C 198 -7.82 15.32 15.58
N GLN C 199 -7.75 14.00 15.41
CA GLN C 199 -8.81 13.23 14.79
C GLN C 199 -9.47 12.44 15.91
N ILE C 200 -10.57 12.98 16.45
CA ILE C 200 -11.16 12.44 17.66
C ILE C 200 -12.45 11.70 17.39
N GLY C 201 -12.85 11.55 16.13
CA GLY C 201 -13.83 10.53 15.79
C GLY C 201 -13.21 9.14 15.84
N ARG C 202 -13.98 8.16 15.38
CA ARG C 202 -13.66 6.76 15.55
C ARG C 202 -13.75 6.00 14.23
N VAL C 203 -13.64 4.67 14.30
CA VAL C 203 -14.05 3.79 13.23
C VAL C 203 -15.08 2.84 13.81
N ILE C 204 -16.20 2.69 13.11
CA ILE C 204 -17.22 1.69 13.44
C ILE C 204 -17.23 0.69 12.31
N ILE C 205 -16.88 -0.56 12.61
CA ILE C 205 -16.92 -1.64 11.63
C ILE C 205 -18.07 -2.57 12.02
N GLY C 206 -18.89 -2.95 11.05
CA GLY C 206 -20.08 -3.73 11.30
C GLY C 206 -19.79 -5.21 11.51
N ASP C 207 -20.84 -6.03 11.34
CA ASP C 207 -20.74 -7.46 11.50
C ASP C 207 -20.32 -8.12 10.19
N ARG C 208 -19.52 -9.19 10.30
CA ARG C 208 -19.19 -10.03 9.15
C ARG C 208 -18.40 -9.27 8.09
N VAL C 209 -17.57 -8.35 8.52
CA VAL C 209 -16.70 -7.58 7.64
C VAL C 209 -15.37 -8.31 7.48
N GLU C 210 -14.86 -8.37 6.27
CA GLU C 210 -13.55 -8.95 6.01
C GLU C 210 -12.66 -7.90 5.39
N ILE C 211 -11.46 -7.73 5.95
CA ILE C 211 -10.52 -6.71 5.49
C ILE C 211 -9.21 -7.42 5.17
N GLY C 212 -8.67 -7.12 3.98
CA GLY C 212 -7.47 -7.77 3.50
C GLY C 212 -6.22 -7.15 4.12
N ALA C 213 -5.07 -7.61 3.63
CA ALA C 213 -3.80 -7.28 4.27
C ALA C 213 -3.33 -5.88 3.91
N CYS C 214 -2.74 -5.20 4.90
CA CYS C 214 -2.15 -3.86 4.75
C CYS C 214 -3.15 -2.86 4.19
N THR C 215 -4.41 -3.02 4.55
CA THR C 215 -5.40 -1.98 4.31
C THR C 215 -5.39 -1.02 5.49
N THR C 216 -5.65 0.26 5.21
CA THR C 216 -5.69 1.28 6.25
C THR C 216 -7.05 1.95 6.24
N ILE C 217 -7.71 1.99 7.39
CA ILE C 217 -9.00 2.64 7.57
C ILE C 217 -8.82 3.68 8.68
N ASP C 218 -8.80 4.96 8.30
CA ASP C 218 -8.53 6.00 9.29
C ASP C 218 -9.78 6.36 10.10
N ARG C 219 -9.54 6.80 11.34
CA ARG C 219 -10.60 7.29 12.20
C ARG C 219 -11.11 8.64 11.69
N GLY C 220 -12.33 8.98 12.09
CA GLY C 220 -12.92 10.24 11.67
C GLY C 220 -12.38 11.45 12.44
N ALA C 221 -12.63 12.63 11.86
CA ALA C 221 -12.13 13.87 12.47
C ALA C 221 -12.92 14.20 13.73
N LEU C 222 -14.26 14.13 13.64
CA LEU C 222 -15.17 14.43 14.75
C LEU C 222 -16.22 13.34 14.81
N ASP C 223 -17.00 13.18 13.74
CA ASP C 223 -17.84 12.01 13.59
C ASP C 223 -16.98 10.87 13.03
N ASP C 224 -17.61 9.75 12.66
CA ASP C 224 -16.92 8.47 12.51
C ASP C 224 -16.79 8.02 11.06
N THR C 225 -15.71 7.28 10.80
CA THR C 225 -15.60 6.42 9.63
C THR C 225 -16.42 5.16 9.89
N ILE C 226 -17.24 4.77 8.92
CA ILE C 226 -18.21 3.70 9.13
C ILE C 226 -18.11 2.67 8.01
N ILE C 227 -17.94 1.40 8.38
CA ILE C 227 -17.96 0.28 7.44
C ILE C 227 -19.18 -0.56 7.78
N GLY C 228 -20.07 -0.74 6.81
CA GLY C 228 -21.32 -1.45 7.03
C GLY C 228 -21.12 -2.96 7.19
N ASN C 229 -22.24 -3.63 7.47
CA ASN C 229 -22.20 -5.07 7.65
C ASN C 229 -21.92 -5.78 6.34
N GLY C 230 -21.18 -6.89 6.43
CA GLY C 230 -21.04 -7.74 5.25
C GLY C 230 -20.15 -7.15 4.18
N VAL C 231 -19.49 -6.04 4.47
CA VAL C 231 -18.56 -5.42 3.52
C VAL C 231 -17.31 -6.29 3.40
N ILE C 232 -16.79 -6.43 2.18
CA ILE C 232 -15.52 -7.12 1.96
C ILE C 232 -14.55 -6.16 1.30
N ILE C 233 -13.37 -6.01 1.90
CA ILE C 233 -12.33 -5.09 1.42
C ILE C 233 -11.05 -5.89 1.24
N ASP C 234 -10.43 -5.76 0.06
CA ASP C 234 -9.25 -6.51 -0.35
C ASP C 234 -8.01 -5.81 0.20
N ASN C 235 -6.83 -6.21 -0.28
CA ASN C 235 -5.56 -5.71 0.24
C ASN C 235 -5.27 -4.27 -0.16
N GLN C 236 -4.55 -3.57 0.73
CA GLN C 236 -3.91 -2.29 0.46
C GLN C 236 -4.86 -1.22 -0.06
N CYS C 237 -6.07 -1.22 0.46
CA CYS C 237 -6.99 -0.13 0.24
C CYS C 237 -6.74 0.97 1.26
N GLN C 238 -7.01 2.21 0.86
CA GLN C 238 -7.02 3.35 1.78
C GLN C 238 -8.45 3.84 1.91
N ILE C 239 -8.97 3.77 3.13
CA ILE C 239 -10.30 4.27 3.45
C ILE C 239 -10.08 5.46 4.39
N ALA C 240 -10.29 6.67 3.86
CA ALA C 240 -9.90 7.89 4.54
C ALA C 240 -10.88 8.23 5.66
N HIS C 241 -10.55 9.26 6.44
CA HIS C 241 -11.41 9.62 7.56
C HIS C 241 -12.80 9.99 7.04
N ASN C 242 -13.82 9.58 7.80
CA ASN C 242 -15.21 9.92 7.57
C ASN C 242 -15.77 9.36 6.27
N VAL C 243 -15.08 8.40 5.65
CA VAL C 243 -15.71 7.61 4.61
C VAL C 243 -16.80 6.75 5.24
N VAL C 244 -17.90 6.56 4.52
CA VAL C 244 -18.96 5.61 4.89
C VAL C 244 -19.12 4.62 3.75
N ILE C 245 -19.10 3.33 4.07
CA ILE C 245 -19.25 2.25 3.08
C ILE C 245 -20.49 1.42 3.45
N GLY C 246 -21.46 1.39 2.54
CA GLY C 246 -22.70 0.71 2.82
C GLY C 246 -22.58 -0.81 2.87
N ASP C 247 -23.54 -1.41 3.59
CA ASP C 247 -23.66 -2.87 3.70
C ASP C 247 -23.40 -3.60 2.39
N ASN C 248 -22.67 -4.70 2.47
CA ASN C 248 -22.48 -5.68 1.40
C ASN C 248 -21.63 -5.16 0.24
N THR C 249 -21.12 -3.94 0.34
CA THR C 249 -20.27 -3.43 -0.73
C THR C 249 -18.93 -4.15 -0.74
N ALA C 250 -18.41 -4.43 -1.94
CA ALA C 250 -17.11 -5.05 -2.10
C ALA C 250 -16.13 -4.04 -2.69
N VAL C 251 -14.93 -3.98 -2.11
CA VAL C 251 -13.86 -3.06 -2.54
C VAL C 251 -12.65 -3.92 -2.87
N ALA C 252 -12.28 -3.98 -4.14
CA ALA C 252 -11.15 -4.80 -4.59
C ALA C 252 -9.82 -4.12 -4.25
N GLY C 253 -8.72 -4.82 -4.55
CA GLY C 253 -7.42 -4.42 -4.04
C GLY C 253 -6.94 -3.06 -4.52
N GLY C 254 -6.29 -2.33 -3.61
CA GLY C 254 -5.56 -1.13 -3.97
C GLY C 254 -6.41 0.08 -4.25
N VAL C 255 -7.65 0.09 -3.82
CA VAL C 255 -8.54 1.23 -4.02
C VAL C 255 -8.18 2.34 -3.04
N ILE C 256 -8.13 3.57 -3.55
CA ILE C 256 -7.80 4.75 -2.75
C ILE C 256 -9.04 5.64 -2.69
N MET C 257 -9.52 5.90 -1.48
CA MET C 257 -10.68 6.75 -1.24
C MET C 257 -10.27 7.99 -0.47
N ALA C 258 -10.77 9.14 -0.91
CA ALA C 258 -10.53 10.40 -0.21
C ALA C 258 -11.54 10.59 0.91
N GLY C 259 -11.27 11.56 1.78
CA GLY C 259 -12.08 11.72 2.97
C GLY C 259 -13.51 12.12 2.66
N SER C 260 -14.42 11.66 3.51
CA SER C 260 -15.83 12.02 3.49
C SER C 260 -16.56 11.52 2.24
N LEU C 261 -15.99 10.53 1.56
CA LEU C 261 -16.73 9.78 0.55
C LEU C 261 -17.81 8.92 1.20
N LYS C 262 -19.02 8.92 0.63
CA LYS C 262 -20.07 7.98 1.02
C LYS C 262 -20.35 7.05 -0.14
N ILE C 263 -20.17 5.75 0.09
CA ILE C 263 -20.48 4.72 -0.89
C ILE C 263 -21.71 3.98 -0.39
N GLY C 264 -22.67 3.73 -1.28
CA GLY C 264 -23.91 3.10 -0.90
C GLY C 264 -23.77 1.62 -0.62
N ARG C 265 -24.93 1.00 -0.37
CA ARG C 265 -25.00 -0.43 -0.20
C ARG C 265 -24.88 -1.13 -1.56
N TYR C 266 -24.40 -2.37 -1.52
CA TYR C 266 -24.45 -3.25 -2.68
C TYR C 266 -23.61 -2.72 -3.83
N CYS C 267 -22.55 -1.96 -3.53
CA CYS C 267 -21.67 -1.50 -4.61
C CYS C 267 -20.51 -2.48 -4.82
N MET C 268 -19.84 -2.34 -5.96
CA MET C 268 -18.66 -3.14 -6.28
C MET C 268 -17.62 -2.20 -6.87
N ILE C 269 -16.49 -2.03 -6.19
CA ILE C 269 -15.49 -1.05 -6.59
C ILE C 269 -14.26 -1.81 -7.07
N GLY C 270 -13.95 -1.71 -8.37
CA GLY C 270 -12.90 -2.52 -8.95
C GLY C 270 -11.51 -2.14 -8.47
N GLY C 271 -10.60 -3.11 -8.60
CA GLY C 271 -9.25 -2.92 -8.08
C GLY C 271 -8.59 -1.68 -8.66
N ALA C 272 -7.79 -1.01 -7.81
CA ALA C 272 -6.96 0.13 -8.20
C ALA C 272 -7.77 1.37 -8.59
N SER C 273 -9.08 1.39 -8.30
CA SER C 273 -9.84 2.60 -8.54
C SER C 273 -9.41 3.72 -7.59
N VAL C 274 -9.75 4.95 -7.97
CA VAL C 274 -9.39 6.15 -7.21
C VAL C 274 -10.65 7.00 -7.10
N ILE C 275 -11.05 7.35 -5.88
CA ILE C 275 -12.35 8.00 -5.67
C ILE C 275 -12.17 9.31 -4.90
N ASN C 276 -12.66 10.39 -5.48
CA ASN C 276 -12.62 11.72 -4.87
C ASN C 276 -13.46 11.74 -3.59
N GLY C 277 -13.21 12.75 -2.77
CA GLY C 277 -13.85 12.86 -1.48
C GLY C 277 -15.04 13.82 -1.47
N HIS C 278 -15.65 13.95 -0.29
CA HIS C 278 -16.75 14.90 -0.08
C HIS C 278 -17.83 14.76 -1.15
N MET C 279 -18.22 13.52 -1.41
CA MET C 279 -19.26 13.28 -2.41
C MET C 279 -19.84 11.90 -2.16
N GLU C 280 -20.82 11.53 -2.97
CA GLU C 280 -21.56 10.30 -2.73
C GLU C 280 -21.64 9.43 -3.97
N ILE C 281 -21.58 8.12 -3.75
CA ILE C 281 -21.88 7.09 -4.73
C ILE C 281 -23.14 6.37 -4.24
N CYS C 282 -24.17 6.33 -5.07
CA CYS C 282 -25.44 5.74 -4.65
C CYS C 282 -25.33 4.20 -4.57
N ASP C 283 -26.42 3.57 -4.13
CA ASP C 283 -26.46 2.12 -4.05
C ASP C 283 -26.32 1.48 -5.44
N LYS C 284 -25.81 0.24 -5.46
CA LYS C 284 -25.87 -0.62 -6.65
C LYS C 284 -25.06 -0.04 -7.80
N VAL C 285 -23.88 0.47 -7.48
CA VAL C 285 -22.96 1.01 -8.48
C VAL C 285 -21.78 0.06 -8.58
N THR C 286 -21.38 -0.25 -9.82
CA THR C 286 -20.16 -1.00 -10.10
C THR C 286 -19.20 -0.06 -10.82
N VAL C 287 -17.99 0.09 -10.29
CA VAL C 287 -16.91 0.83 -10.94
C VAL C 287 -15.87 -0.20 -11.38
N THR C 288 -15.58 -0.25 -12.67
CA THR C 288 -14.61 -1.24 -13.12
C THR C 288 -13.20 -0.80 -12.73
N GLY C 289 -12.26 -1.74 -12.82
CA GLY C 289 -10.90 -1.55 -12.35
C GLY C 289 -10.21 -0.27 -12.83
N MET C 290 -9.47 0.36 -11.93
CA MET C 290 -8.70 1.57 -12.21
C MET C 290 -9.60 2.76 -12.53
N GLY C 291 -10.86 2.70 -12.10
CA GLY C 291 -11.80 3.78 -12.34
C GLY C 291 -11.35 5.07 -11.68
N MET C 292 -11.39 6.16 -12.46
CA MET C 292 -11.07 7.49 -11.95
C MET C 292 -12.40 8.17 -11.64
N VAL C 293 -12.80 8.12 -10.36
CA VAL C 293 -14.12 8.58 -9.95
C VAL C 293 -13.95 9.99 -9.40
N MET C 294 -14.22 10.98 -10.25
CA MET C 294 -13.99 12.38 -9.95
C MET C 294 -15.22 13.08 -9.40
N ARG C 295 -16.40 12.64 -9.82
CA ARG C 295 -17.69 13.27 -9.56
C ARG C 295 -18.62 12.29 -8.85
N PRO C 296 -19.68 12.78 -8.21
CA PRO C 296 -20.65 11.87 -7.58
C PRO C 296 -21.29 10.94 -8.59
N ILE C 297 -21.67 9.76 -8.14
CA ILE C 297 -22.45 8.82 -8.96
C ILE C 297 -23.85 8.74 -8.38
N THR C 298 -24.84 9.14 -9.17
CA THR C 298 -26.20 9.34 -8.68
C THR C 298 -27.19 8.33 -9.23
N GLU C 299 -26.80 7.49 -10.18
CA GLU C 299 -27.66 6.47 -10.75
C GLU C 299 -26.97 5.11 -10.65
N PRO C 300 -27.70 4.05 -10.32
CA PRO C 300 -27.07 2.72 -10.28
C PRO C 300 -26.61 2.30 -11.66
N GLY C 301 -25.68 1.35 -11.70
CA GLY C 301 -25.20 0.78 -12.93
C GLY C 301 -23.69 0.67 -12.94
N VAL C 302 -23.15 0.48 -14.14
CA VAL C 302 -21.74 0.14 -14.33
C VAL C 302 -21.03 1.33 -14.97
N TYR C 303 -19.86 1.70 -14.40
CA TYR C 303 -19.10 2.89 -14.82
C TYR C 303 -17.63 2.53 -14.97
N SER C 304 -16.97 3.15 -15.96
CA SER C 304 -15.62 2.79 -16.33
C SER C 304 -14.84 4.02 -16.76
N SER C 305 -13.51 3.90 -16.71
CA SER C 305 -12.64 4.91 -17.27
C SER C 305 -11.32 4.25 -17.68
N GLY C 306 -10.51 5.01 -18.38
CA GLY C 306 -9.13 4.62 -18.67
C GLY C 306 -8.94 4.24 -20.12
N ILE C 307 -7.78 4.63 -20.66
CA ILE C 307 -7.37 4.25 -22.01
C ILE C 307 -6.34 3.11 -21.87
N PRO C 308 -6.66 1.89 -22.27
CA PRO C 308 -5.79 0.75 -21.95
C PRO C 308 -4.54 0.68 -22.82
N LEU C 309 -3.71 -0.31 -22.50
CA LEU C 309 -2.37 -0.48 -23.06
C LEU C 309 -2.36 -0.57 -24.59
N GLN C 310 -1.30 -0.04 -25.18
CA GLN C 310 -0.96 -0.27 -26.57
C GLN C 310 0.52 -0.52 -26.69
N PRO C 311 0.98 -1.05 -27.81
CA PRO C 311 2.42 -1.07 -28.08
C PRO C 311 2.99 0.33 -27.91
N ASN C 312 4.20 0.41 -27.34
CA ASN C 312 4.74 1.72 -26.97
C ASN C 312 4.75 2.68 -28.16
N LYS C 313 5.16 2.19 -29.34
CA LYS C 313 5.23 3.04 -30.52
C LYS C 313 3.86 3.62 -30.85
N VAL C 314 2.82 2.81 -30.68
CA VAL C 314 1.45 3.27 -30.89
C VAL C 314 1.03 4.22 -29.79
N TRP C 315 1.33 3.86 -28.52
CA TRP C 315 0.94 4.70 -27.39
C TRP C 315 1.47 6.11 -27.55
N ARG C 316 2.74 6.24 -27.99
CA ARG C 316 3.32 7.58 -28.12
C ARG C 316 2.47 8.48 -29.00
N LYS C 317 1.91 7.92 -30.08
CA LYS C 317 1.07 8.71 -30.97
C LYS C 317 -0.29 8.98 -30.34
N THR C 318 -0.89 7.96 -29.70
CA THR C 318 -2.16 8.18 -29.00
C THR C 318 -2.03 9.29 -27.98
N ALA C 319 -1.01 9.21 -27.11
CA ALA C 319 -0.83 10.19 -26.06
C ALA C 319 -0.64 11.60 -26.65
N ALA C 320 0.25 11.74 -27.64
CA ALA C 320 0.51 13.06 -28.20
C ALA C 320 -0.72 13.64 -28.87
N LEU C 321 -1.48 12.79 -29.58
CA LEU C 321 -2.69 13.27 -30.25
C LEU C 321 -3.75 13.67 -29.24
N VAL C 322 -3.97 12.87 -28.20
CA VAL C 322 -4.97 13.23 -27.20
C VAL C 322 -4.59 14.56 -26.54
N MET C 323 -3.31 14.70 -26.18
CA MET C 323 -2.88 15.92 -25.51
C MET C 323 -3.10 17.15 -26.39
N ASN C 324 -3.08 16.97 -27.71
CA ASN C 324 -3.28 18.04 -28.67
CA ASN C 324 -3.29 18.04 -28.66
C ASN C 324 -4.67 17.96 -29.32
N ILE C 325 -5.64 17.38 -28.62
CA ILE C 325 -6.96 17.19 -29.22
C ILE C 325 -7.68 18.52 -29.41
N ASP C 326 -7.37 19.54 -28.62
CA ASP C 326 -8.02 20.84 -28.84
C ASP C 326 -7.68 21.39 -30.22
N ASP C 327 -6.42 21.28 -30.64
CA ASP C 327 -6.04 21.67 -31.99
C ASP C 327 -6.75 20.82 -33.04
N MET C 328 -6.83 19.50 -32.81
CA MET C 328 -7.58 18.65 -33.73
C MET C 328 -9.02 19.10 -33.85
N SER C 329 -9.64 19.43 -32.71
CA SER C 329 -11.00 19.93 -32.71
C SER C 329 -11.14 21.22 -33.51
N LYS C 330 -10.20 22.15 -33.33
CA LYS C 330 -10.29 23.41 -34.08
C LYS C 330 -10.13 23.17 -35.58
N ARG C 331 -9.23 22.26 -35.95
CA ARG C 331 -9.05 21.94 -37.37
C ARG C 331 -10.30 21.32 -37.96
N LEU C 332 -10.96 20.44 -37.21
CA LEU C 332 -12.21 19.86 -37.67
C LEU C 332 -13.25 20.94 -37.91
N LYS C 333 -13.41 21.85 -36.94
CA LYS C 333 -14.38 22.93 -37.10
C LYS C 333 -14.06 23.80 -38.31
N SER C 334 -12.78 24.14 -38.50
CA SER C 334 -12.38 24.99 -39.61
C SER C 334 -12.69 24.33 -40.94
N LEU C 335 -12.37 23.04 -41.07
CA LEU C 335 -12.68 22.31 -42.30
C LEU C 335 -14.19 22.20 -42.52
N GLU C 336 -14.98 22.06 -41.44
CA GLU C 336 -16.42 22.06 -41.60
C GLU C 336 -16.92 23.38 -42.17
N ARG C 337 -16.38 24.50 -41.69
CA ARG C 337 -16.80 25.80 -42.22
C ARG C 337 -16.41 25.94 -43.68
N LYS C 338 -15.19 25.55 -44.03
CA LYS C 338 -14.74 25.69 -45.42
C LYS C 338 -15.59 24.85 -46.37
N VAL C 339 -15.97 23.64 -45.94
CA VAL C 339 -16.77 22.78 -46.80
C VAL C 339 -18.20 23.29 -46.89
N ASN C 340 -18.71 23.93 -45.83
CA ASN C 340 -20.08 24.44 -45.83
C ASN C 340 -20.15 25.87 -46.36
#